data_1BHR
# 
_entry.id   1BHR 
# 
_audit_conform.dict_name       mmcif_pdbx.dic 
_audit_conform.dict_version    5.392 
_audit_conform.dict_location   http://mmcif.pdb.org/dictionaries/ascii/mmcif_pdbx.dic 
# 
loop_
_database_2.database_id 
_database_2.database_code 
_database_2.pdbx_database_accession 
_database_2.pdbx_DOI 
PDB   1BHR         pdb_00001bhr 10.2210/pdb1bhr/pdb 
WWPDB D_1000171772 ?            ?                   
# 
loop_
_pdbx_audit_revision_history.ordinal 
_pdbx_audit_revision_history.data_content_type 
_pdbx_audit_revision_history.major_revision 
_pdbx_audit_revision_history.minor_revision 
_pdbx_audit_revision_history.revision_date 
1 'Structure model' 1 0 1998-11-04 
2 'Structure model' 1 1 2008-03-24 
3 'Structure model' 1 2 2011-07-13 
4 'Structure model' 1 3 2022-02-16 
5 'Structure model' 1 4 2024-05-22 
# 
_pdbx_audit_revision_details.ordinal             1 
_pdbx_audit_revision_details.revision_ordinal    1 
_pdbx_audit_revision_details.data_content_type   'Structure model' 
_pdbx_audit_revision_details.provider            repository 
_pdbx_audit_revision_details.type                'Initial release' 
_pdbx_audit_revision_details.description         ? 
_pdbx_audit_revision_details.details             ? 
# 
loop_
_pdbx_audit_revision_group.ordinal 
_pdbx_audit_revision_group.revision_ordinal 
_pdbx_audit_revision_group.data_content_type 
_pdbx_audit_revision_group.group 
1 2 'Structure model' 'Version format compliance' 
2 3 'Structure model' 'Version format compliance' 
3 4 'Structure model' 'Database references'       
4 4 'Structure model' 'Derived calculations'      
5 4 'Structure model' Other                       
6 5 'Structure model' 'Data collection'           
# 
loop_
_pdbx_audit_revision_category.ordinal 
_pdbx_audit_revision_category.revision_ordinal 
_pdbx_audit_revision_category.data_content_type 
_pdbx_audit_revision_category.category 
1 4 'Structure model' database_2            
2 4 'Structure model' pdbx_database_status  
3 4 'Structure model' pdbx_struct_assembly  
4 4 'Structure model' pdbx_struct_oper_list 
5 4 'Structure model' struct_conn           
6 5 'Structure model' chem_comp_atom        
7 5 'Structure model' chem_comp_bond        
# 
loop_
_pdbx_audit_revision_item.ordinal 
_pdbx_audit_revision_item.revision_ordinal 
_pdbx_audit_revision_item.data_content_type 
_pdbx_audit_revision_item.item 
1  4 'Structure model' '_database_2.pdbx_DOI'                
2  4 'Structure model' '_database_2.pdbx_database_accession' 
3  4 'Structure model' '_pdbx_database_status.process_site'  
4  4 'Structure model' '_struct_conn.pdbx_leaving_atom_flag' 
5  4 'Structure model' '_struct_conn.ptnr1_auth_comp_id'     
6  4 'Structure model' '_struct_conn.ptnr1_auth_seq_id'      
7  4 'Structure model' '_struct_conn.ptnr1_label_atom_id'    
8  4 'Structure model' '_struct_conn.ptnr1_label_comp_id'    
9  4 'Structure model' '_struct_conn.ptnr1_label_seq_id'     
10 4 'Structure model' '_struct_conn.ptnr2_auth_comp_id'     
11 4 'Structure model' '_struct_conn.ptnr2_auth_seq_id'      
12 4 'Structure model' '_struct_conn.ptnr2_label_atom_id'    
13 4 'Structure model' '_struct_conn.ptnr2_label_comp_id'    
14 4 'Structure model' '_struct_conn.ptnr2_label_seq_id'     
# 
_pdbx_database_status.status_code                     REL 
_pdbx_database_status.entry_id                        1BHR 
_pdbx_database_status.recvd_initial_deposition_date   1998-06-10 
_pdbx_database_status.deposit_site                    ? 
_pdbx_database_status.process_site                    BNL 
_pdbx_database_status.status_code_sf                  ? 
_pdbx_database_status.status_code_mr                  REL 
_pdbx_database_status.SG_entry                        ? 
_pdbx_database_status.pdb_format_compatible           Y 
_pdbx_database_status.status_code_cs                  ? 
_pdbx_database_status.status_code_nmr_data            ? 
_pdbx_database_status.methods_development_category    ? 
# 
loop_
_audit_author.name 
_audit_author.pdbx_ordinal 
'Robinson, H.'  1 
'Gao, Y.-G.'    2 
'Bauer, C.'     3 
'Roberts, C.'   4 
'Switzer, C.'   5 
'Wang, A.H.-J.' 6 
# 
_citation.id                        primary 
_citation.title                     
;2'-Deoxyisoguanosine adopts more than one tautomer to form base pairs with thymidine observed by high-resolution crystal structure analysis.
;
_citation.journal_abbrev            Biochemistry 
_citation.journal_volume            37 
_citation.page_first                10897 
_citation.page_last                 10905 
_citation.year                      1998 
_citation.journal_id_ASTM           BICHAW 
_citation.country                   US 
_citation.journal_id_ISSN           0006-2960 
_citation.journal_id_CSD            0033 
_citation.book_publisher            ? 
_citation.pdbx_database_id_PubMed   9692982 
_citation.pdbx_database_id_DOI      10.1021/bi980818l 
# 
loop_
_citation_author.citation_id 
_citation_author.name 
_citation_author.ordinal 
_citation_author.identifier_ORCID 
primary 'Robinson, H.' 1 ? 
primary 'Gao, Y.G.'    2 ? 
primary 'Bauer, C.'    3 ? 
primary 'Roberts, C.'  4 ? 
primary 'Switzer, C.'  5 ? 
primary 'Wang, A.H.'   6 ? 
# 
_entity.id                         1 
_entity.type                       polymer 
_entity.src_method                 syn 
_entity.pdbx_description           
;DNA (5'-D(*CP*GP*CP*IGUP*AP*AP*TP*TP*TP*GP*CP*G)-3')
;
_entity.formula_weight             3678.403 
_entity.pdbx_number_of_molecules   2 
_entity.pdbx_ec                    ? 
_entity.pdbx_mutation              ? 
_entity.pdbx_fragment              ? 
_entity.details                    'X IS ISOGUANOSINE' 
# 
_entity_poly.entity_id                      1 
_entity_poly.type                           polydeoxyribonucleotide 
_entity_poly.nstd_linkage                   no 
_entity_poly.nstd_monomer                   yes 
_entity_poly.pdbx_seq_one_letter_code       '(DC)(DG)(DC)(IGU)(DA)(DA)(DT)(DT)(DT)(DG)(DC)(DG)' 
_entity_poly.pdbx_seq_one_letter_code_can   CGCGAATTTGCG 
_entity_poly.pdbx_strand_id                 A,B 
_entity_poly.pdbx_target_identifier         ? 
# 
loop_
_entity_poly_seq.entity_id 
_entity_poly_seq.num 
_entity_poly_seq.mon_id 
_entity_poly_seq.hetero 
1 1  DC  n 
1 2  DG  n 
1 3  DC  n 
1 4  IGU n 
1 5  DA  n 
1 6  DA  n 
1 7  DT  n 
1 8  DT  n 
1 9  DT  n 
1 10 DG  n 
1 11 DC  n 
1 12 DG  n 
# 
loop_
_chem_comp.id 
_chem_comp.type 
_chem_comp.mon_nstd_flag 
_chem_comp.name 
_chem_comp.pdbx_synonyms 
_chem_comp.formula 
_chem_comp.formula_weight 
DA  'DNA linking' y "2'-DEOXYADENOSINE-5'-MONOPHOSPHATE"  ? 'C10 H14 N5 O6 P' 331.222 
DC  'DNA linking' y "2'-DEOXYCYTIDINE-5'-MONOPHOSPHATE"   ? 'C9 H14 N3 O7 P'  307.197 
DG  'DNA linking' y "2'-DEOXYGUANOSINE-5'-MONOPHOSPHATE"  ? 'C10 H14 N5 O7 P' 347.221 
DT  'DNA linking' y "THYMIDINE-5'-MONOPHOSPHATE"          ? 'C10 H15 N2 O8 P' 322.208 
IGU 'DNA linking' n "2'-DEOXYISOGUANINE-5'-MONOPHOSPHATE" ? 'C10 H14 N5 O7 P' 347.221 
# 
loop_
_pdbx_poly_seq_scheme.asym_id 
_pdbx_poly_seq_scheme.entity_id 
_pdbx_poly_seq_scheme.seq_id 
_pdbx_poly_seq_scheme.mon_id 
_pdbx_poly_seq_scheme.ndb_seq_num 
_pdbx_poly_seq_scheme.pdb_seq_num 
_pdbx_poly_seq_scheme.auth_seq_num 
_pdbx_poly_seq_scheme.pdb_mon_id 
_pdbx_poly_seq_scheme.auth_mon_id 
_pdbx_poly_seq_scheme.pdb_strand_id 
_pdbx_poly_seq_scheme.pdb_ins_code 
_pdbx_poly_seq_scheme.hetero 
A 1 1  DC  1  1  1  DC  C   A . n 
A 1 2  DG  2  2  2  DG  G   A . n 
A 1 3  DC  3  3  3  DC  C   A . n 
A 1 4  IGU 4  4  4  IGU IGU A . n 
A 1 5  DA  5  5  5  DA  A   A . n 
A 1 6  DA  6  6  6  DA  A   A . n 
A 1 7  DT  7  7  7  DT  T   A . n 
A 1 8  DT  8  8  8  DT  T   A . n 
A 1 9  DT  9  9  9  DT  T   A . n 
A 1 10 DG  10 10 10 DG  G   A . n 
A 1 11 DC  11 11 11 DC  C   A . n 
A 1 12 DG  12 12 12 DG  G   A . n 
B 1 1  DC  1  13 13 DC  C   B . n 
B 1 2  DG  2  14 14 DG  G   B . n 
B 1 3  DC  3  15 15 DC  C   B . n 
B 1 4  IGU 4  16 16 IGU IGU B . n 
B 1 5  DA  5  17 17 DA  A   B . n 
B 1 6  DA  6  18 18 DA  A   B . n 
B 1 7  DT  7  19 19 DT  T   B . n 
B 1 8  DT  8  20 20 DT  T   B . n 
B 1 9  DT  9  21 21 DT  T   B . n 
B 1 10 DG  10 22 22 DG  G   B . n 
B 1 11 DC  11 23 23 DC  C   B . n 
B 1 12 DG  12 24 24 DG  G   B . n 
# 
loop_
_software.name 
_software.classification 
_software.version 
_software.citation_id 
_software.pdbx_ordinal 
X-PLOR 'model building' 3.1 ? 1 
X-PLOR refinement       3.1 ? 2 
X-PLOR phasing          3.1 ? 3 
# 
_cell.entry_id           1BHR 
_cell.length_a           1.000 
_cell.length_b           1.000 
_cell.length_c           1.000 
_cell.angle_alpha        90.00 
_cell.angle_beta         90.00 
_cell.angle_gamma        90.00 
_cell.Z_PDB              1 
_cell.pdbx_unique_axis   ? 
# 
_symmetry.entry_id                         1BHR 
_symmetry.space_group_name_H-M             'P 1' 
_symmetry.pdbx_full_space_group_name_H-M   ? 
_symmetry.cell_setting                     ? 
_symmetry.Int_Tables_number                1 
# 
_exptl.entry_id          1BHR 
_exptl.method            'SOLUTION NMR' 
_exptl.crystals_number   ? 
# 
_struct.entry_id                  1BHR 
_struct.title                     
;2'-DEOXY-ISOGUANOSINE BASE PAIRED TO THYMIDINE, NMR, MINIMIZED AVERAGE STRUCTURE
;
_struct.pdbx_model_details        ? 
_struct.pdbx_CASP_flag            ? 
_struct.pdbx_model_type_details   ? 
# 
_struct_keywords.entry_id        1BHR 
_struct_keywords.pdbx_keywords   DNA 
_struct_keywords.text            'DEOXYRIBONUCLEIC ACID, ISOGUANOSINE-THYMIDINE MISMATCH, DNA' 
# 
loop_
_struct_asym.id 
_struct_asym.pdbx_blank_PDB_chainid_flag 
_struct_asym.pdbx_modified 
_struct_asym.entity_id 
_struct_asym.details 
A N N 1 ? 
B N N 1 ? 
# 
_struct_ref.id                         1 
_struct_ref.entity_id                  1 
_struct_ref.db_name                    PDB 
_struct_ref.db_code                    1BHR 
_struct_ref.pdbx_db_accession          1BHR 
_struct_ref.pdbx_db_isoform            ? 
_struct_ref.pdbx_seq_one_letter_code   ? 
_struct_ref.pdbx_align_begin           ? 
# 
loop_
_struct_ref_seq.align_id 
_struct_ref_seq.ref_id 
_struct_ref_seq.pdbx_PDB_id_code 
_struct_ref_seq.pdbx_strand_id 
_struct_ref_seq.seq_align_beg 
_struct_ref_seq.pdbx_seq_align_beg_ins_code 
_struct_ref_seq.seq_align_end 
_struct_ref_seq.pdbx_seq_align_end_ins_code 
_struct_ref_seq.pdbx_db_accession 
_struct_ref_seq.db_align_beg 
_struct_ref_seq.pdbx_db_align_beg_ins_code 
_struct_ref_seq.db_align_end 
_struct_ref_seq.pdbx_db_align_end_ins_code 
_struct_ref_seq.pdbx_auth_seq_align_beg 
_struct_ref_seq.pdbx_auth_seq_align_end 
1 1 1BHR A 1 ? 12 ? 1BHR 1  ? 12 ? 1  12 
2 1 1BHR B 1 ? 12 ? 1BHR 13 ? 24 ? 13 24 
# 
_pdbx_struct_assembly.id                   1 
_pdbx_struct_assembly.details              author_defined_assembly 
_pdbx_struct_assembly.method_details       ? 
_pdbx_struct_assembly.oligomeric_details   dimeric 
_pdbx_struct_assembly.oligomeric_count     2 
# 
_pdbx_struct_assembly_gen.assembly_id       1 
_pdbx_struct_assembly_gen.oper_expression   1 
_pdbx_struct_assembly_gen.asym_id_list      A,B 
# 
_pdbx_struct_oper_list.id                   1 
_pdbx_struct_oper_list.type                 'identity operation' 
_pdbx_struct_oper_list.name                 1_555 
_pdbx_struct_oper_list.symmetry_operation   x,y,z 
_pdbx_struct_oper_list.matrix[1][1]         1.0000000000 
_pdbx_struct_oper_list.matrix[1][2]         0.0000000000 
_pdbx_struct_oper_list.matrix[1][3]         0.0000000000 
_pdbx_struct_oper_list.vector[1]            0.0000000000 
_pdbx_struct_oper_list.matrix[2][1]         0.0000000000 
_pdbx_struct_oper_list.matrix[2][2]         1.0000000000 
_pdbx_struct_oper_list.matrix[2][3]         0.0000000000 
_pdbx_struct_oper_list.vector[2]            0.0000000000 
_pdbx_struct_oper_list.matrix[3][1]         0.0000000000 
_pdbx_struct_oper_list.matrix[3][2]         0.0000000000 
_pdbx_struct_oper_list.matrix[3][3]         1.0000000000 
_pdbx_struct_oper_list.vector[3]            0.0000000000 
# 
_struct_biol.id   1 
# 
loop_
_struct_conn.id 
_struct_conn.conn_type_id 
_struct_conn.pdbx_leaving_atom_flag 
_struct_conn.pdbx_PDB_id 
_struct_conn.ptnr1_label_asym_id 
_struct_conn.ptnr1_label_comp_id 
_struct_conn.ptnr1_label_seq_id 
_struct_conn.ptnr1_label_atom_id 
_struct_conn.pdbx_ptnr1_label_alt_id 
_struct_conn.pdbx_ptnr1_PDB_ins_code 
_struct_conn.pdbx_ptnr1_standard_comp_id 
_struct_conn.ptnr1_symmetry 
_struct_conn.ptnr2_label_asym_id 
_struct_conn.ptnr2_label_comp_id 
_struct_conn.ptnr2_label_seq_id 
_struct_conn.ptnr2_label_atom_id 
_struct_conn.pdbx_ptnr2_label_alt_id 
_struct_conn.pdbx_ptnr2_PDB_ins_code 
_struct_conn.ptnr1_auth_asym_id 
_struct_conn.ptnr1_auth_comp_id 
_struct_conn.ptnr1_auth_seq_id 
_struct_conn.ptnr2_auth_asym_id 
_struct_conn.ptnr2_auth_comp_id 
_struct_conn.ptnr2_auth_seq_id 
_struct_conn.ptnr2_symmetry 
_struct_conn.pdbx_ptnr3_label_atom_id 
_struct_conn.pdbx_ptnr3_label_seq_id 
_struct_conn.pdbx_ptnr3_label_comp_id 
_struct_conn.pdbx_ptnr3_label_asym_id 
_struct_conn.pdbx_ptnr3_label_alt_id 
_struct_conn.pdbx_ptnr3_PDB_ins_code 
_struct_conn.details 
_struct_conn.pdbx_dist_value 
_struct_conn.pdbx_value_order 
_struct_conn.pdbx_role 
covale1  covale both ? A DC  3  "O3'" ? ? ? 1_555 A IGU 4  P  ? ? A DC  3  A IGU 4  1_555 ? ? ? ? ? ? ?                1.620 ? ? 
covale2  covale both ? A IGU 4  "O3'" ? ? ? 1_555 A DA  5  P  ? ? A IGU 4  A DA  5  1_555 ? ? ? ? ? ? ?                1.615 ? ? 
covale3  covale both ? B DC  3  "O3'" ? ? ? 1_555 B IGU 4  P  ? ? B DC  15 B IGU 16 1_555 ? ? ? ? ? ? ?                1.620 ? ? 
covale4  covale both ? B IGU 4  "O3'" ? ? ? 1_555 B DA  5  P  ? ? B IGU 16 B DA  17 1_555 ? ? ? ? ? ? ?                1.616 ? ? 
hydrog1  hydrog ?    ? A DC  1  N3    ? ? ? 1_555 B DG  12 N1 ? ? A DC  1  B DG  24 1_555 ? ? ? ? ? ? WATSON-CRICK     ?     ? ? 
hydrog2  hydrog ?    ? A DC  1  N4    ? ? ? 1_555 B DG  12 O6 ? ? A DC  1  B DG  24 1_555 ? ? ? ? ? ? WATSON-CRICK     ?     ? ? 
hydrog3  hydrog ?    ? A DC  1  O2    ? ? ? 1_555 B DG  12 N2 ? ? A DC  1  B DG  24 1_555 ? ? ? ? ? ? WATSON-CRICK     ?     ? ? 
hydrog4  hydrog ?    ? A DG  2  N1    ? ? ? 1_555 B DC  11 N3 ? ? A DG  2  B DC  23 1_555 ? ? ? ? ? ? WATSON-CRICK     ?     ? ? 
hydrog5  hydrog ?    ? A DG  2  N2    ? ? ? 1_555 B DC  11 O2 ? ? A DG  2  B DC  23 1_555 ? ? ? ? ? ? WATSON-CRICK     ?     ? ? 
hydrog6  hydrog ?    ? A DG  2  O6    ? ? ? 1_555 B DC  11 N4 ? ? A DG  2  B DC  23 1_555 ? ? ? ? ? ? WATSON-CRICK     ?     ? ? 
hydrog7  hydrog ?    ? A DC  3  N4    ? ? ? 1_555 B DT  9  O4 ? ? A DC  3  B DT  21 1_555 ? ? ? ? ? ? 'DC-DT MISPAIR'  ?     ? ? 
hydrog8  hydrog ?    ? A DC  3  N3    ? ? ? 1_555 B DG  10 N1 ? ? A DC  3  B DG  22 1_555 ? ? ? ? ? ? WATSON-CRICK     ?     ? ? 
hydrog9  hydrog ?    ? A DC  3  N4    ? ? ? 1_555 B DG  10 O6 ? ? A DC  3  B DG  22 1_555 ? ? ? ? ? ? WATSON-CRICK     ?     ? ? 
hydrog10 hydrog ?    ? A DC  3  O2    ? ? ? 1_555 B DG  10 N2 ? ? A DC  3  B DG  22 1_555 ? ? ? ? ? ? WATSON-CRICK     ?     ? ? 
hydrog11 hydrog ?    ? A IGU 4  N1    ? ? ? 1_555 B DT  9  O4 ? ? A IGU 4  B DT  21 1_555 ? ? ? ? ? ? 'IGU-DT MISPAIR' ?     ? ? 
hydrog12 hydrog ?    ? A DA  5  N1    ? ? ? 1_555 B DT  8  N3 ? ? A DA  5  B DT  20 1_555 ? ? ? ? ? ? WATSON-CRICK     ?     ? ? 
hydrog13 hydrog ?    ? A DA  5  N6    ? ? ? 1_555 B DT  8  O4 ? ? A DA  5  B DT  20 1_555 ? ? ? ? ? ? WATSON-CRICK     ?     ? ? 
hydrog14 hydrog ?    ? A DA  6  N1    ? ? ? 1_555 B DT  7  N3 ? ? A DA  6  B DT  19 1_555 ? ? ? ? ? ? WATSON-CRICK     ?     ? ? 
hydrog15 hydrog ?    ? A DA  6  N6    ? ? ? 1_555 B DT  7  O4 ? ? A DA  6  B DT  19 1_555 ? ? ? ? ? ? WATSON-CRICK     ?     ? ? 
hydrog16 hydrog ?    ? A DT  7  N3    ? ? ? 1_555 B DA  6  N1 ? ? A DT  7  B DA  18 1_555 ? ? ? ? ? ? WATSON-CRICK     ?     ? ? 
hydrog17 hydrog ?    ? A DT  7  O4    ? ? ? 1_555 B DA  6  N6 ? ? A DT  7  B DA  18 1_555 ? ? ? ? ? ? WATSON-CRICK     ?     ? ? 
hydrog18 hydrog ?    ? A DT  8  N3    ? ? ? 1_555 B DA  5  N1 ? ? A DT  8  B DA  17 1_555 ? ? ? ? ? ? WATSON-CRICK     ?     ? ? 
hydrog19 hydrog ?    ? A DT  8  O4    ? ? ? 1_555 B DA  5  N6 ? ? A DT  8  B DA  17 1_555 ? ? ? ? ? ? WATSON-CRICK     ?     ? ? 
hydrog20 hydrog ?    ? A DT  9  O4    ? ? ? 1_555 B DC  3  N4 ? ? A DT  9  B DC  15 1_555 ? ? ? ? ? ? 'DT-DC MISPAIR'  ?     ? ? 
hydrog21 hydrog ?    ? A DT  9  O4    ? ? ? 1_555 B IGU 4  N1 ? ? A DT  9  B IGU 16 1_555 ? ? ? ? ? ? 'DT-IGU MISPAIR' ?     ? ? 
hydrog22 hydrog ?    ? A DG  10 N1    ? ? ? 1_555 B DC  3  N3 ? ? A DG  10 B DC  15 1_555 ? ? ? ? ? ? WATSON-CRICK     ?     ? ? 
hydrog23 hydrog ?    ? A DG  10 N2    ? ? ? 1_555 B DC  3  O2 ? ? A DG  10 B DC  15 1_555 ? ? ? ? ? ? WATSON-CRICK     ?     ? ? 
hydrog24 hydrog ?    ? A DG  10 O6    ? ? ? 1_555 B DC  3  N4 ? ? A DG  10 B DC  15 1_555 ? ? ? ? ? ? WATSON-CRICK     ?     ? ? 
hydrog25 hydrog ?    ? A DC  11 N3    ? ? ? 1_555 B DG  2  N1 ? ? A DC  11 B DG  14 1_555 ? ? ? ? ? ? WATSON-CRICK     ?     ? ? 
hydrog26 hydrog ?    ? A DC  11 N4    ? ? ? 1_555 B DG  2  O6 ? ? A DC  11 B DG  14 1_555 ? ? ? ? ? ? WATSON-CRICK     ?     ? ? 
hydrog27 hydrog ?    ? A DC  11 O2    ? ? ? 1_555 B DG  2  N2 ? ? A DC  11 B DG  14 1_555 ? ? ? ? ? ? WATSON-CRICK     ?     ? ? 
hydrog28 hydrog ?    ? A DG  12 N1    ? ? ? 1_555 B DC  1  N3 ? ? A DG  12 B DC  13 1_555 ? ? ? ? ? ? WATSON-CRICK     ?     ? ? 
hydrog29 hydrog ?    ? A DG  12 N2    ? ? ? 1_555 B DC  1  O2 ? ? A DG  12 B DC  13 1_555 ? ? ? ? ? ? WATSON-CRICK     ?     ? ? 
hydrog30 hydrog ?    ? A DG  12 O6    ? ? ? 1_555 B DC  1  N4 ? ? A DG  12 B DC  13 1_555 ? ? ? ? ? ? WATSON-CRICK     ?     ? ? 
# 
loop_
_struct_conn_type.id 
_struct_conn_type.criteria 
_struct_conn_type.reference 
covale ? ? 
hydrog ? ? 
# 
loop_
_pdbx_validate_rmsd_bond.id 
_pdbx_validate_rmsd_bond.PDB_model_num 
_pdbx_validate_rmsd_bond.auth_atom_id_1 
_pdbx_validate_rmsd_bond.auth_asym_id_1 
_pdbx_validate_rmsd_bond.auth_comp_id_1 
_pdbx_validate_rmsd_bond.auth_seq_id_1 
_pdbx_validate_rmsd_bond.PDB_ins_code_1 
_pdbx_validate_rmsd_bond.label_alt_id_1 
_pdbx_validate_rmsd_bond.auth_atom_id_2 
_pdbx_validate_rmsd_bond.auth_asym_id_2 
_pdbx_validate_rmsd_bond.auth_comp_id_2 
_pdbx_validate_rmsd_bond.auth_seq_id_2 
_pdbx_validate_rmsd_bond.PDB_ins_code_2 
_pdbx_validate_rmsd_bond.label_alt_id_2 
_pdbx_validate_rmsd_bond.bond_value 
_pdbx_validate_rmsd_bond.bond_target_value 
_pdbx_validate_rmsd_bond.bond_deviation 
_pdbx_validate_rmsd_bond.bond_standard_deviation 
_pdbx_validate_rmsd_bond.linker_flag 
1 1 "C5'" A DC 1  ? ? "C4'" A DC 1  ? ? 1.560 1.512 0.048 0.007 N 
2 1 C5    A DT 7  ? ? C7    A DT 7  ? ? 1.540 1.496 0.044 0.006 N 
3 1 C5    A DT 8  ? ? C7    A DT 8  ? ? 1.537 1.496 0.041 0.006 N 
4 1 C5    A DT 9  ? ? C7    A DT 9  ? ? 1.536 1.496 0.040 0.006 N 
5 1 "C5'" B DC 13 ? ? "C4'" B DC 13 ? ? 1.560 1.512 0.048 0.007 N 
6 1 C5    B DT 19 ? ? C7    B DT 19 ? ? 1.541 1.496 0.045 0.006 N 
7 1 C5    B DT 20 ? ? C7    B DT 20 ? ? 1.536 1.496 0.040 0.006 N 
8 1 C5    B DT 21 ? ? C7    B DT 21 ? ? 1.538 1.496 0.042 0.006 N 
# 
loop_
_pdbx_validate_rmsd_angle.id 
_pdbx_validate_rmsd_angle.PDB_model_num 
_pdbx_validate_rmsd_angle.auth_atom_id_1 
_pdbx_validate_rmsd_angle.auth_asym_id_1 
_pdbx_validate_rmsd_angle.auth_comp_id_1 
_pdbx_validate_rmsd_angle.auth_seq_id_1 
_pdbx_validate_rmsd_angle.PDB_ins_code_1 
_pdbx_validate_rmsd_angle.label_alt_id_1 
_pdbx_validate_rmsd_angle.auth_atom_id_2 
_pdbx_validate_rmsd_angle.auth_asym_id_2 
_pdbx_validate_rmsd_angle.auth_comp_id_2 
_pdbx_validate_rmsd_angle.auth_seq_id_2 
_pdbx_validate_rmsd_angle.PDB_ins_code_2 
_pdbx_validate_rmsd_angle.label_alt_id_2 
_pdbx_validate_rmsd_angle.auth_atom_id_3 
_pdbx_validate_rmsd_angle.auth_asym_id_3 
_pdbx_validate_rmsd_angle.auth_comp_id_3 
_pdbx_validate_rmsd_angle.auth_seq_id_3 
_pdbx_validate_rmsd_angle.PDB_ins_code_3 
_pdbx_validate_rmsd_angle.label_alt_id_3 
_pdbx_validate_rmsd_angle.angle_value 
_pdbx_validate_rmsd_angle.angle_target_value 
_pdbx_validate_rmsd_angle.angle_deviation 
_pdbx_validate_rmsd_angle.angle_standard_deviation 
_pdbx_validate_rmsd_angle.linker_flag 
1 1 "O4'" A DA 6  ? ? "C1'" A DA 6  ? ? N9 A DA 6  ? ? 102.49 108.00 -5.51 0.70 N 
2 1 "O4'" A DT 7  ? ? "C1'" A DT 7  ? ? N1 A DT 7  ? ? 112.98 108.30 4.68  0.30 N 
3 1 "O4'" A DT 8  ? ? "C1'" A DT 8  ? ? N1 A DT 8  ? ? 113.03 108.30 4.73  0.30 N 
4 1 "O4'" A DG 12 ? ? "C1'" A DG 12 ? ? N9 A DG 12 ? ? 115.00 108.30 6.70  0.30 N 
5 1 "O4'" B DA 18 ? ? "C1'" B DA 18 ? ? N9 B DA 18 ? ? 102.67 108.00 -5.33 0.70 N 
6 1 "O4'" B DT 19 ? ? "C1'" B DT 19 ? ? N1 B DT 19 ? ? 113.14 108.30 4.84  0.30 N 
7 1 "O4'" B DT 20 ? ? "C1'" B DT 20 ? ? N1 B DT 20 ? ? 113.32 108.30 5.02  0.30 N 
8 1 "O4'" B DG 24 ? ? "C1'" B DG 24 ? ? N9 B DG 24 ? ? 115.06 108.30 6.76  0.30 N 
# 
loop_
_pdbx_validate_planes.id 
_pdbx_validate_planes.PDB_model_num 
_pdbx_validate_planes.auth_comp_id 
_pdbx_validate_planes.auth_asym_id 
_pdbx_validate_planes.auth_seq_id 
_pdbx_validate_planes.PDB_ins_code 
_pdbx_validate_planes.label_alt_id 
_pdbx_validate_planes.rmsd 
_pdbx_validate_planes.type 
1 1 DG A 2  ? ? 0.069 'SIDE CHAIN' 
2 1 DC A 11 ? ? 0.105 'SIDE CHAIN' 
3 1 DG A 12 ? ? 0.097 'SIDE CHAIN' 
4 1 DG B 14 ? ? 0.069 'SIDE CHAIN' 
5 1 DC B 23 ? ? 0.106 'SIDE CHAIN' 
6 1 DG B 24 ? ? 0.097 'SIDE CHAIN' 
# 
loop_
_pdbx_struct_mod_residue.id 
_pdbx_struct_mod_residue.label_asym_id 
_pdbx_struct_mod_residue.label_comp_id 
_pdbx_struct_mod_residue.label_seq_id 
_pdbx_struct_mod_residue.auth_asym_id 
_pdbx_struct_mod_residue.auth_comp_id 
_pdbx_struct_mod_residue.auth_seq_id 
_pdbx_struct_mod_residue.PDB_ins_code 
_pdbx_struct_mod_residue.parent_comp_id 
_pdbx_struct_mod_residue.details 
1 A IGU 4 A IGU 4  ? DG "2'-DEOXYISOGUANINE-5'-MONOPHOSPHATE" 
2 B IGU 4 B IGU 16 ? DG "2'-DEOXYISOGUANINE-5'-MONOPHOSPHATE" 
# 
_pdbx_nmr_ensemble.entry_id                             1BHR 
_pdbx_nmr_ensemble.conformers_calculated_total_number   2 
_pdbx_nmr_ensemble.conformers_submitted_total_number    1 
_pdbx_nmr_ensemble.conformer_selection_criteria         CONVERGENCE 
# 
_pdbx_nmr_exptl_sample_conditions.conditions_id       1 
_pdbx_nmr_exptl_sample_conditions.temperature         275 
_pdbx_nmr_exptl_sample_conditions.pressure            ? 
_pdbx_nmr_exptl_sample_conditions.pH                  7.0 
_pdbx_nmr_exptl_sample_conditions.ionic_strength      ? 
_pdbx_nmr_exptl_sample_conditions.pressure_units      . 
_pdbx_nmr_exptl_sample_conditions.temperature_units   K 
# 
_pdbx_nmr_exptl.experiment_id   1 
_pdbx_nmr_exptl.conditions_id   1 
_pdbx_nmr_exptl.type            'NOESY TOCSY' 
_pdbx_nmr_exptl.solution_id     1 
# 
_pdbx_nmr_details.entry_id   1BHR 
_pdbx_nmr_details.text       
;THE STRUCTURE IS BASED ON OBSERVED 1H NOE'S
;
# 
_pdbx_nmr_refine.entry_id           1BHR 
_pdbx_nmr_refine.method             'CONJUGATE GRADIENT MINIMIZATION' 
_pdbx_nmr_refine.details            
;MINIMIZATION OF MODEL AGAINST OBSERVED 1H NOE'S
;
_pdbx_nmr_refine.software_ordinal   1 
# 
loop_
_pdbx_nmr_software.classification 
_pdbx_nmr_software.name 
_pdbx_nmr_software.version 
_pdbx_nmr_software.authors 
_pdbx_nmr_software.ordinal 
refinement           X-PLOR ?   BRUNGER 1 
'structure solution' X-PLOR 3.1 ?       2 
# 
loop_
_chem_comp_atom.comp_id 
_chem_comp_atom.atom_id 
_chem_comp_atom.type_symbol 
_chem_comp_atom.pdbx_aromatic_flag 
_chem_comp_atom.pdbx_stereo_config 
_chem_comp_atom.pdbx_ordinal 
DA  OP3    O N N 1   
DA  P      P N N 2   
DA  OP1    O N N 3   
DA  OP2    O N N 4   
DA  "O5'"  O N N 5   
DA  "C5'"  C N N 6   
DA  "C4'"  C N R 7   
DA  "O4'"  O N N 8   
DA  "C3'"  C N S 9   
DA  "O3'"  O N N 10  
DA  "C2'"  C N N 11  
DA  "C1'"  C N R 12  
DA  N9     N Y N 13  
DA  C8     C Y N 14  
DA  N7     N Y N 15  
DA  C5     C Y N 16  
DA  C6     C Y N 17  
DA  N6     N N N 18  
DA  N1     N Y N 19  
DA  C2     C Y N 20  
DA  N3     N Y N 21  
DA  C4     C Y N 22  
DA  HOP3   H N N 23  
DA  HOP2   H N N 24  
DA  "H5'"  H N N 25  
DA  "H5''" H N N 26  
DA  "H4'"  H N N 27  
DA  "H3'"  H N N 28  
DA  "HO3'" H N N 29  
DA  "H2'"  H N N 30  
DA  "H2''" H N N 31  
DA  "H1'"  H N N 32  
DA  H8     H N N 33  
DA  H61    H N N 34  
DA  H62    H N N 35  
DA  H2     H N N 36  
DC  OP3    O N N 37  
DC  P      P N N 38  
DC  OP1    O N N 39  
DC  OP2    O N N 40  
DC  "O5'"  O N N 41  
DC  "C5'"  C N N 42  
DC  "C4'"  C N R 43  
DC  "O4'"  O N N 44  
DC  "C3'"  C N S 45  
DC  "O3'"  O N N 46  
DC  "C2'"  C N N 47  
DC  "C1'"  C N R 48  
DC  N1     N N N 49  
DC  C2     C N N 50  
DC  O2     O N N 51  
DC  N3     N N N 52  
DC  C4     C N N 53  
DC  N4     N N N 54  
DC  C5     C N N 55  
DC  C6     C N N 56  
DC  HOP3   H N N 57  
DC  HOP2   H N N 58  
DC  "H5'"  H N N 59  
DC  "H5''" H N N 60  
DC  "H4'"  H N N 61  
DC  "H3'"  H N N 62  
DC  "HO3'" H N N 63  
DC  "H2'"  H N N 64  
DC  "H2''" H N N 65  
DC  "H1'"  H N N 66  
DC  H41    H N N 67  
DC  H42    H N N 68  
DC  H5     H N N 69  
DC  H6     H N N 70  
DG  OP3    O N N 71  
DG  P      P N N 72  
DG  OP1    O N N 73  
DG  OP2    O N N 74  
DG  "O5'"  O N N 75  
DG  "C5'"  C N N 76  
DG  "C4'"  C N R 77  
DG  "O4'"  O N N 78  
DG  "C3'"  C N S 79  
DG  "O3'"  O N N 80  
DG  "C2'"  C N N 81  
DG  "C1'"  C N R 82  
DG  N9     N Y N 83  
DG  C8     C Y N 84  
DG  N7     N Y N 85  
DG  C5     C Y N 86  
DG  C6     C N N 87  
DG  O6     O N N 88  
DG  N1     N N N 89  
DG  C2     C N N 90  
DG  N2     N N N 91  
DG  N3     N N N 92  
DG  C4     C Y N 93  
DG  HOP3   H N N 94  
DG  HOP2   H N N 95  
DG  "H5'"  H N N 96  
DG  "H5''" H N N 97  
DG  "H4'"  H N N 98  
DG  "H3'"  H N N 99  
DG  "HO3'" H N N 100 
DG  "H2'"  H N N 101 
DG  "H2''" H N N 102 
DG  "H1'"  H N N 103 
DG  H8     H N N 104 
DG  H1     H N N 105 
DG  H21    H N N 106 
DG  H22    H N N 107 
DT  OP3    O N N 108 
DT  P      P N N 109 
DT  OP1    O N N 110 
DT  OP2    O N N 111 
DT  "O5'"  O N N 112 
DT  "C5'"  C N N 113 
DT  "C4'"  C N R 114 
DT  "O4'"  O N N 115 
DT  "C3'"  C N S 116 
DT  "O3'"  O N N 117 
DT  "C2'"  C N N 118 
DT  "C1'"  C N R 119 
DT  N1     N N N 120 
DT  C2     C N N 121 
DT  O2     O N N 122 
DT  N3     N N N 123 
DT  C4     C N N 124 
DT  O4     O N N 125 
DT  C5     C N N 126 
DT  C7     C N N 127 
DT  C6     C N N 128 
DT  HOP3   H N N 129 
DT  HOP2   H N N 130 
DT  "H5'"  H N N 131 
DT  "H5''" H N N 132 
DT  "H4'"  H N N 133 
DT  "H3'"  H N N 134 
DT  "HO3'" H N N 135 
DT  "H2'"  H N N 136 
DT  "H2''" H N N 137 
DT  "H1'"  H N N 138 
DT  H3     H N N 139 
DT  H71    H N N 140 
DT  H72    H N N 141 
DT  H73    H N N 142 
DT  H6     H N N 143 
IGU P      P N N 144 
IGU OP1    O N N 145 
IGU OP2    O N N 146 
IGU OP3    O N N 147 
IGU "O5'"  O N N 148 
IGU "C5'"  C N N 149 
IGU "C4'"  C N R 150 
IGU "O4'"  O N N 151 
IGU "C3'"  C N S 152 
IGU "O3'"  O N N 153 
IGU "C2'"  C N N 154 
IGU "C1'"  C N R 155 
IGU N9     N N N 156 
IGU C8     C N N 157 
IGU N7     N N N 158 
IGU C6     C N N 159 
IGU N6     N N N 160 
IGU C5     C N N 161 
IGU N1     N N N 162 
IGU C2     C N N 163 
IGU O2     O N N 164 
IGU N3     N N N 165 
IGU C4     C N N 166 
IGU HOP2   H N N 167 
IGU HOP3   H N N 168 
IGU "H5'"  H N N 169 
IGU "H5''" H N N 170 
IGU "H4'"  H N N 171 
IGU "H3'"  H N N 172 
IGU "HO3'" H N N 173 
IGU "H2'"  H N N 174 
IGU "H2''" H N N 175 
IGU "H1'"  H N N 176 
IGU H8     H N N 177 
IGU HN61   H N N 178 
IGU HN62   H N N 179 
IGU HN1    H N N 180 
# 
loop_
_chem_comp_bond.comp_id 
_chem_comp_bond.atom_id_1 
_chem_comp_bond.atom_id_2 
_chem_comp_bond.value_order 
_chem_comp_bond.pdbx_aromatic_flag 
_chem_comp_bond.pdbx_stereo_config 
_chem_comp_bond.pdbx_ordinal 
DA  OP3   P      sing N N 1   
DA  OP3   HOP3   sing N N 2   
DA  P     OP1    doub N N 3   
DA  P     OP2    sing N N 4   
DA  P     "O5'"  sing N N 5   
DA  OP2   HOP2   sing N N 6   
DA  "O5'" "C5'"  sing N N 7   
DA  "C5'" "C4'"  sing N N 8   
DA  "C5'" "H5'"  sing N N 9   
DA  "C5'" "H5''" sing N N 10  
DA  "C4'" "O4'"  sing N N 11  
DA  "C4'" "C3'"  sing N N 12  
DA  "C4'" "H4'"  sing N N 13  
DA  "O4'" "C1'"  sing N N 14  
DA  "C3'" "O3'"  sing N N 15  
DA  "C3'" "C2'"  sing N N 16  
DA  "C3'" "H3'"  sing N N 17  
DA  "O3'" "HO3'" sing N N 18  
DA  "C2'" "C1'"  sing N N 19  
DA  "C2'" "H2'"  sing N N 20  
DA  "C2'" "H2''" sing N N 21  
DA  "C1'" N9     sing N N 22  
DA  "C1'" "H1'"  sing N N 23  
DA  N9    C8     sing Y N 24  
DA  N9    C4     sing Y N 25  
DA  C8    N7     doub Y N 26  
DA  C8    H8     sing N N 27  
DA  N7    C5     sing Y N 28  
DA  C5    C6     sing Y N 29  
DA  C5    C4     doub Y N 30  
DA  C6    N6     sing N N 31  
DA  C6    N1     doub Y N 32  
DA  N6    H61    sing N N 33  
DA  N6    H62    sing N N 34  
DA  N1    C2     sing Y N 35  
DA  C2    N3     doub Y N 36  
DA  C2    H2     sing N N 37  
DA  N3    C4     sing Y N 38  
DC  OP3   P      sing N N 39  
DC  OP3   HOP3   sing N N 40  
DC  P     OP1    doub N N 41  
DC  P     OP2    sing N N 42  
DC  P     "O5'"  sing N N 43  
DC  OP2   HOP2   sing N N 44  
DC  "O5'" "C5'"  sing N N 45  
DC  "C5'" "C4'"  sing N N 46  
DC  "C5'" "H5'"  sing N N 47  
DC  "C5'" "H5''" sing N N 48  
DC  "C4'" "O4'"  sing N N 49  
DC  "C4'" "C3'"  sing N N 50  
DC  "C4'" "H4'"  sing N N 51  
DC  "O4'" "C1'"  sing N N 52  
DC  "C3'" "O3'"  sing N N 53  
DC  "C3'" "C2'"  sing N N 54  
DC  "C3'" "H3'"  sing N N 55  
DC  "O3'" "HO3'" sing N N 56  
DC  "C2'" "C1'"  sing N N 57  
DC  "C2'" "H2'"  sing N N 58  
DC  "C2'" "H2''" sing N N 59  
DC  "C1'" N1     sing N N 60  
DC  "C1'" "H1'"  sing N N 61  
DC  N1    C2     sing N N 62  
DC  N1    C6     sing N N 63  
DC  C2    O2     doub N N 64  
DC  C2    N3     sing N N 65  
DC  N3    C4     doub N N 66  
DC  C4    N4     sing N N 67  
DC  C4    C5     sing N N 68  
DC  N4    H41    sing N N 69  
DC  N4    H42    sing N N 70  
DC  C5    C6     doub N N 71  
DC  C5    H5     sing N N 72  
DC  C6    H6     sing N N 73  
DG  OP3   P      sing N N 74  
DG  OP3   HOP3   sing N N 75  
DG  P     OP1    doub N N 76  
DG  P     OP2    sing N N 77  
DG  P     "O5'"  sing N N 78  
DG  OP2   HOP2   sing N N 79  
DG  "O5'" "C5'"  sing N N 80  
DG  "C5'" "C4'"  sing N N 81  
DG  "C5'" "H5'"  sing N N 82  
DG  "C5'" "H5''" sing N N 83  
DG  "C4'" "O4'"  sing N N 84  
DG  "C4'" "C3'"  sing N N 85  
DG  "C4'" "H4'"  sing N N 86  
DG  "O4'" "C1'"  sing N N 87  
DG  "C3'" "O3'"  sing N N 88  
DG  "C3'" "C2'"  sing N N 89  
DG  "C3'" "H3'"  sing N N 90  
DG  "O3'" "HO3'" sing N N 91  
DG  "C2'" "C1'"  sing N N 92  
DG  "C2'" "H2'"  sing N N 93  
DG  "C2'" "H2''" sing N N 94  
DG  "C1'" N9     sing N N 95  
DG  "C1'" "H1'"  sing N N 96  
DG  N9    C8     sing Y N 97  
DG  N9    C4     sing Y N 98  
DG  C8    N7     doub Y N 99  
DG  C8    H8     sing N N 100 
DG  N7    C5     sing Y N 101 
DG  C5    C6     sing N N 102 
DG  C5    C4     doub Y N 103 
DG  C6    O6     doub N N 104 
DG  C6    N1     sing N N 105 
DG  N1    C2     sing N N 106 
DG  N1    H1     sing N N 107 
DG  C2    N2     sing N N 108 
DG  C2    N3     doub N N 109 
DG  N2    H21    sing N N 110 
DG  N2    H22    sing N N 111 
DG  N3    C4     sing N N 112 
DT  OP3   P      sing N N 113 
DT  OP3   HOP3   sing N N 114 
DT  P     OP1    doub N N 115 
DT  P     OP2    sing N N 116 
DT  P     "O5'"  sing N N 117 
DT  OP2   HOP2   sing N N 118 
DT  "O5'" "C5'"  sing N N 119 
DT  "C5'" "C4'"  sing N N 120 
DT  "C5'" "H5'"  sing N N 121 
DT  "C5'" "H5''" sing N N 122 
DT  "C4'" "O4'"  sing N N 123 
DT  "C4'" "C3'"  sing N N 124 
DT  "C4'" "H4'"  sing N N 125 
DT  "O4'" "C1'"  sing N N 126 
DT  "C3'" "O3'"  sing N N 127 
DT  "C3'" "C2'"  sing N N 128 
DT  "C3'" "H3'"  sing N N 129 
DT  "O3'" "HO3'" sing N N 130 
DT  "C2'" "C1'"  sing N N 131 
DT  "C2'" "H2'"  sing N N 132 
DT  "C2'" "H2''" sing N N 133 
DT  "C1'" N1     sing N N 134 
DT  "C1'" "H1'"  sing N N 135 
DT  N1    C2     sing N N 136 
DT  N1    C6     sing N N 137 
DT  C2    O2     doub N N 138 
DT  C2    N3     sing N N 139 
DT  N3    C4     sing N N 140 
DT  N3    H3     sing N N 141 
DT  C4    O4     doub N N 142 
DT  C4    C5     sing N N 143 
DT  C5    C7     sing N N 144 
DT  C5    C6     doub N N 145 
DT  C7    H71    sing N N 146 
DT  C7    H72    sing N N 147 
DT  C7    H73    sing N N 148 
DT  C6    H6     sing N N 149 
IGU P     OP1    doub N N 150 
IGU P     OP2    sing N N 151 
IGU P     OP3    sing N N 152 
IGU P     "O5'"  sing N N 153 
IGU OP2   HOP2   sing N N 154 
IGU OP3   HOP3   sing N N 155 
IGU "O5'" "C5'"  sing N N 156 
IGU "C5'" "C4'"  sing N N 157 
IGU "C5'" "H5'"  sing N N 158 
IGU "C5'" "H5''" sing N N 159 
IGU "C4'" "O4'"  sing N N 160 
IGU "C4'" "C3'"  sing N N 161 
IGU "C4'" "H4'"  sing N N 162 
IGU "O4'" "C1'"  sing N N 163 
IGU "C3'" "O3'"  sing N N 164 
IGU "C3'" "C2'"  sing N N 165 
IGU "C3'" "H3'"  sing N N 166 
IGU "O3'" "HO3'" sing N N 167 
IGU "C2'" "C1'"  sing N N 168 
IGU "C2'" "H2'"  sing N N 169 
IGU "C2'" "H2''" sing N N 170 
IGU "C1'" N9     sing N N 171 
IGU "C1'" "H1'"  sing N N 172 
IGU N9    C8     sing N N 173 
IGU N9    C4     sing N N 174 
IGU C8    N7     doub N N 175 
IGU C8    H8     sing N N 176 
IGU N7    C5     sing N N 177 
IGU C6    N6     sing N N 178 
IGU C6    C5     doub N N 179 
IGU C6    N1     sing N N 180 
IGU N6    HN61   sing N N 181 
IGU N6    HN62   sing N N 182 
IGU C5    C4     sing N N 183 
IGU N1    C2     sing N N 184 
IGU C2    O2     doub N N 185 
IGU C2    N3     sing N N 186 
IGU N3    C4     doub N N 187 
IGU N1    HN1    sing N N 188 
# 
loop_
_ndb_struct_conf_na.entry_id 
_ndb_struct_conf_na.feature 
1BHR 'double helix'         
1BHR 'mismatched base pair' 
# 
loop_
_ndb_struct_na_base_pair.model_number 
_ndb_struct_na_base_pair.i_label_asym_id 
_ndb_struct_na_base_pair.i_label_comp_id 
_ndb_struct_na_base_pair.i_label_seq_id 
_ndb_struct_na_base_pair.i_symmetry 
_ndb_struct_na_base_pair.j_label_asym_id 
_ndb_struct_na_base_pair.j_label_comp_id 
_ndb_struct_na_base_pair.j_label_seq_id 
_ndb_struct_na_base_pair.j_symmetry 
_ndb_struct_na_base_pair.shear 
_ndb_struct_na_base_pair.stretch 
_ndb_struct_na_base_pair.stagger 
_ndb_struct_na_base_pair.buckle 
_ndb_struct_na_base_pair.propeller 
_ndb_struct_na_base_pair.opening 
_ndb_struct_na_base_pair.pair_number 
_ndb_struct_na_base_pair.pair_name 
_ndb_struct_na_base_pair.i_auth_asym_id 
_ndb_struct_na_base_pair.i_auth_seq_id 
_ndb_struct_na_base_pair.i_PDB_ins_code 
_ndb_struct_na_base_pair.j_auth_asym_id 
_ndb_struct_na_base_pair.j_auth_seq_id 
_ndb_struct_na_base_pair.j_PDB_ins_code 
_ndb_struct_na_base_pair.hbond_type_28 
_ndb_struct_na_base_pair.hbond_type_12 
1 A DC  1  1_555 B DG  12 1_555 0.449  -0.176 1.086  -27.635 3.860   -4.344 1  A_DC1:DG24_B  A 1  ? B 24 ? 19 1 
1 A DG  2  1_555 B DC  11 1_555 0.046  -0.177 0.437  8.948   0.102   -3.117 2  A_DG2:DC23_B  A 2  ? B 23 ? 19 1 
1 A DC  3  1_555 B DG  10 1_555 0.010  -0.142 0.489  -6.929  -3.024  -5.097 3  A_DC3:DG22_B  A 3  ? B 22 ? 19 1 
1 A IGU 4  1_555 B DT  9  1_555 2.411  0.138  0.474  14.990  -16.441 -2.149 4  A_IGU4:DT21_B A 4  ? B 21 ? ?  ? 
1 A DA  5  1_555 B DT  8  1_555 -0.301 -0.226 0.235  4.524   -7.363  -7.972 5  A_DA5:DT20_B  A 5  ? B 20 ? 20 1 
1 A DA  6  1_555 B DT  7  1_555 -0.246 -0.147 -0.093 3.581   -13.419 -1.655 6  A_DA6:DT19_B  A 6  ? B 19 ? 20 1 
1 A DT  7  1_555 B DA  6  1_555 0.250  -0.146 -0.091 -3.577  -13.424 -1.467 7  A_DT7:DA18_B  A 7  ? B 18 ? 20 1 
1 A DT  8  1_555 B DA  5  1_555 0.307  -0.226 0.233  -4.451  -7.253  -7.897 8  A_DT8:DA17_B  A 8  ? B 17 ? 20 1 
1 A DT  9  1_555 B IGU 4  1_555 -2.407 0.143  0.476  -15.070 -16.428 -2.041 9  A_DT9:IGU16_B A 9  ? B 16 ? ?  ? 
1 A DG  10 1_555 B DC  3  1_555 -0.009 -0.144 0.490  6.831   -2.968  -5.138 10 A_DG10:DC15_B A 10 ? B 15 ? 19 1 
1 A DC  11 1_555 B DG  2  1_555 -0.044 -0.177 0.438  -8.961  0.127   -3.119 11 A_DC11:DG14_B A 11 ? B 14 ? 19 1 
1 A DG  12 1_555 B DC  1  1_555 -0.448 -0.178 1.086  27.625  3.840   -4.352 12 A_DG12:DC13_B A 12 ? B 13 ? 19 1 
# 
loop_
_ndb_struct_na_base_pair_step.model_number 
_ndb_struct_na_base_pair_step.i_label_asym_id_1 
_ndb_struct_na_base_pair_step.i_label_comp_id_1 
_ndb_struct_na_base_pair_step.i_label_seq_id_1 
_ndb_struct_na_base_pair_step.i_symmetry_1 
_ndb_struct_na_base_pair_step.j_label_asym_id_1 
_ndb_struct_na_base_pair_step.j_label_comp_id_1 
_ndb_struct_na_base_pair_step.j_label_seq_id_1 
_ndb_struct_na_base_pair_step.j_symmetry_1 
_ndb_struct_na_base_pair_step.i_label_asym_id_2 
_ndb_struct_na_base_pair_step.i_label_comp_id_2 
_ndb_struct_na_base_pair_step.i_label_seq_id_2 
_ndb_struct_na_base_pair_step.i_symmetry_2 
_ndb_struct_na_base_pair_step.j_label_asym_id_2 
_ndb_struct_na_base_pair_step.j_label_comp_id_2 
_ndb_struct_na_base_pair_step.j_label_seq_id_2 
_ndb_struct_na_base_pair_step.j_symmetry_2 
_ndb_struct_na_base_pair_step.shift 
_ndb_struct_na_base_pair_step.slide 
_ndb_struct_na_base_pair_step.rise 
_ndb_struct_na_base_pair_step.tilt 
_ndb_struct_na_base_pair_step.roll 
_ndb_struct_na_base_pair_step.twist 
_ndb_struct_na_base_pair_step.x_displacement 
_ndb_struct_na_base_pair_step.y_displacement 
_ndb_struct_na_base_pair_step.helical_rise 
_ndb_struct_na_base_pair_step.inclination 
_ndb_struct_na_base_pair_step.tip 
_ndb_struct_na_base_pair_step.helical_twist 
_ndb_struct_na_base_pair_step.step_number 
_ndb_struct_na_base_pair_step.step_name 
_ndb_struct_na_base_pair_step.i_auth_asym_id_1 
_ndb_struct_na_base_pair_step.i_auth_seq_id_1 
_ndb_struct_na_base_pair_step.i_PDB_ins_code_1 
_ndb_struct_na_base_pair_step.j_auth_asym_id_1 
_ndb_struct_na_base_pair_step.j_auth_seq_id_1 
_ndb_struct_na_base_pair_step.j_PDB_ins_code_1 
_ndb_struct_na_base_pair_step.i_auth_asym_id_2 
_ndb_struct_na_base_pair_step.i_auth_seq_id_2 
_ndb_struct_na_base_pair_step.i_PDB_ins_code_2 
_ndb_struct_na_base_pair_step.j_auth_asym_id_2 
_ndb_struct_na_base_pair_step.j_auth_seq_id_2 
_ndb_struct_na_base_pair_step.j_PDB_ins_code_2 
1 A DC  1  1_555 B DG  12 1_555 A DG  2  1_555 B DC  11 1_555 -0.326 -0.112 2.390 5.141  -11.718 26.560 1.614  1.446  2.149 
-23.827 -10.453 29.432 1  AA_DC1DG2:DC23DG24_BB   A 1  ? B 24 ? A 2  ? B 23 ? 
1 A DG  2  1_555 B DC  11 1_555 A DC  3  1_555 B DG  10 1_555 0.083  -0.655 3.602 0.270  -4.480  41.193 -0.395 -0.085 3.651 -6.344 
-0.382  41.426 2  AA_DG2DC3:DG22DC23_BB   A 2  ? B 23 ? A 3  ? B 22 ? 
1 A DC  3  1_555 B DG  10 1_555 A IGU 4  1_555 B DT  9  1_555 0.699  0.773  2.843 2.913  -9.885  41.937 1.879  -0.707 2.644 
-13.567 -3.998  43.129 3  AA_DC3IGU4:DT21DG22_BB  A 3  ? B 22 ? A 4  ? B 21 ? 
1 A IGU 4  1_555 B DT  9  1_555 A DA  5  1_555 B DT  8  1_555 0.166  -1.655 3.228 -1.251 3.389   28.210 -4.112 -0.613 3.002 6.918 
2.554   28.436 4  AA_IGU4DA5:DT20DT21_BB  A 4  ? B 21 ? A 5  ? B 20 ? 
1 A DA  5  1_555 B DT  8  1_555 A DA  6  1_555 B DT  7  1_555 -0.148 -0.327 3.435 -0.881 -6.920  38.003 0.410  0.108  3.442 
-10.519 1.339   38.615 5  AA_DA5DA6:DT19DT20_BB   A 5  ? B 20 ? A 6  ? B 19 ? 
1 A DA  6  1_555 B DT  7  1_555 A DT  7  1_555 B DA  6  1_555 0.000  -0.624 3.359 -0.054 -5.894  29.222 0.074  -0.013 3.417 
-11.534 0.106   29.797 6  AA_DA6DT7:DA18DT19_BB   A 6  ? B 19 ? A 7  ? B 18 ? 
1 A DT  7  1_555 B DA  6  1_555 A DT  8  1_555 B DA  5  1_555 0.144  -0.326 3.433 0.869  -7.007  38.021 0.421  -0.104 3.439 
-10.643 -1.320  38.648 7  AA_DT7DT8:DA17DA18_BB   A 7  ? B 18 ? A 8  ? B 17 ? 
1 A DT  8  1_555 B DA  5  1_555 A DT  9  1_555 B IGU 4  1_555 -0.169 -1.652 3.232 1.243  3.399   28.186 -4.114 0.617  3.006 6.944 
-2.539  28.413 8  AA_DT8DT9:IGU16DA17_BB  A 8  ? B 17 ? A 9  ? B 16 ? 
1 A DT  9  1_555 B IGU 4  1_555 A DG  10 1_555 B DC  3  1_555 -0.702 0.772  2.843 -2.978 -9.894  41.859 1.883  0.706  2.645 
-13.601 4.094   43.060 9  AA_DT9DG10:DC15IGU16_BB A 9  ? B 16 ? A 10 ? B 15 ? 
1 A DG  10 1_555 B DC  3  1_555 A DC  11 1_555 B DG  2  1_555 -0.083 -0.656 3.602 -0.255 -4.529  41.210 -0.390 0.087  3.651 -6.411 
0.361   41.448 10 AA_DG10DC11:DG14DC15_BB A 10 ? B 15 ? A 11 ? B 14 ? 
1 A DC  11 1_555 B DG  2  1_555 A DG  12 1_555 B DC  1  1_555 0.325  -0.112 2.390 -5.119 -11.736 26.552 1.617  -1.442 2.149 
-23.867 10.411  29.428 11 AA_DC11DG12:DC13DG14_BB A 11 ? B 14 ? A 12 ? B 13 ? 
# 
_pdbx_nmr_spectrometer.spectrometer_id   1 
_pdbx_nmr_spectrometer.model             VXR500 
_pdbx_nmr_spectrometer.manufacturer      Varian 
_pdbx_nmr_spectrometer.field_strength    500 
# 
_atom_sites.entry_id                    1BHR 
_atom_sites.fract_transf_matrix[1][1]   1.000000 
_atom_sites.fract_transf_matrix[1][2]   0.000000 
_atom_sites.fract_transf_matrix[1][3]   0.000000 
_atom_sites.fract_transf_matrix[2][1]   0.000000 
_atom_sites.fract_transf_matrix[2][2]   1.000000 
_atom_sites.fract_transf_matrix[2][3]   0.000000 
_atom_sites.fract_transf_matrix[3][1]   0.000000 
_atom_sites.fract_transf_matrix[3][2]   0.000000 
_atom_sites.fract_transf_matrix[3][3]   1.000000 
_atom_sites.fract_transf_vector[1]      0.00000 
_atom_sites.fract_transf_vector[2]      0.00000 
_atom_sites.fract_transf_vector[3]      0.00000 
# 
loop_
_atom_type.symbol 
C 
H 
N 
O 
P 
# 
loop_
_atom_site.group_PDB 
_atom_site.id 
_atom_site.type_symbol 
_atom_site.label_atom_id 
_atom_site.label_alt_id 
_atom_site.label_comp_id 
_atom_site.label_asym_id 
_atom_site.label_entity_id 
_atom_site.label_seq_id 
_atom_site.pdbx_PDB_ins_code 
_atom_site.Cartn_x 
_atom_site.Cartn_y 
_atom_site.Cartn_z 
_atom_site.occupancy 
_atom_site.B_iso_or_equiv 
_atom_site.pdbx_formal_charge 
_atom_site.auth_seq_id 
_atom_site.auth_comp_id 
_atom_site.auth_asym_id 
_atom_site.auth_atom_id 
_atom_site.pdbx_PDB_model_num 
ATOM   1   O "O5'"  . DC  A 1 1  ? 11.515  -19.061 -1.691  1.00 0.00 ? 1  DC  A "O5'"  1 
ATOM   2   C "C5'"  . DC  A 1 1  ? 10.649  -19.912 -2.451  1.00 0.00 ? 1  DC  A "C5'"  1 
ATOM   3   C "C4'"  . DC  A 1 1  ? 9.256   -19.249 -2.682  1.00 0.00 ? 1  DC  A "C4'"  1 
ATOM   4   O "O4'"  . DC  A 1 1  ? 8.657   -19.063 -1.389  1.00 0.00 ? 1  DC  A "O4'"  1 
ATOM   5   C "C3'"  . DC  A 1 1  ? 9.290   -17.887 -3.399  1.00 0.00 ? 1  DC  A "C3'"  1 
ATOM   6   O "O3'"  . DC  A 1 1  ? 8.631   -18.034 -4.658  1.00 0.00 ? 1  DC  A "O3'"  1 
ATOM   7   C "C2'"  . DC  A 1 1  ? 8.583   -16.938 -2.388  1.00 0.00 ? 1  DC  A "C2'"  1 
ATOM   8   C "C1'"  . DC  A 1 1  ? 7.907   -17.844 -1.324  1.00 0.00 ? 1  DC  A "C1'"  1 
ATOM   9   N N1     . DC  A 1 1  ? 8.077   -17.296 0.048   1.00 0.00 ? 1  DC  A N1     1 
ATOM   10  C C2     . DC  A 1 1  ? 6.947   -16.898 0.753   1.00 0.00 ? 1  DC  A C2     1 
ATOM   11  O O2     . DC  A 1 1  ? 5.831   -17.006 0.248   1.00 0.00 ? 1  DC  A O2     1 
ATOM   12  N N3     . DC  A 1 1  ? 7.105   -16.398 2.008   1.00 0.00 ? 1  DC  A N3     1 
ATOM   13  C C4     . DC  A 1 1  ? 8.319   -16.275 2.570   1.00 0.00 ? 1  DC  A C4     1 
ATOM   14  N N4     . DC  A 1 1  ? 8.421   -15.784 3.808   1.00 0.00 ? 1  DC  A N4     1 
ATOM   15  C C5     . DC  A 1 1  ? 9.501   -16.664 1.859   1.00 0.00 ? 1  DC  A C5     1 
ATOM   16  C C6     . DC  A 1 1  ? 9.321   -17.196 0.597   1.00 0.00 ? 1  DC  A C6     1 
ATOM   17  H "H5'"  . DC  A 1 1  ? 10.535  -20.818 -1.845  1.00 0.00 ? 1  DC  A "H5'"  1 
ATOM   18  H "H5''" . DC  A 1 1  ? 11.177  -20.191 -3.366  1.00 0.00 ? 1  DC  A "H5''" 1 
ATOM   19  H "H4'"  . DC  A 1 1  ? 8.549   -19.826 -3.297  1.00 0.00 ? 1  DC  A "H4'"  1 
ATOM   20  H "H3'"  . DC  A 1 1  ? 10.307  -17.578 -3.692  1.00 0.00 ? 1  DC  A "H3'"  1 
ATOM   21  H "H2'"  . DC  A 1 1  ? 9.388   -16.303 -1.961  1.00 0.00 ? 1  DC  A "H2'"  1 
ATOM   22  H "H2''" . DC  A 1 1  ? 7.773   -16.326 -2.816  1.00 0.00 ? 1  DC  A "H2''" 1 
ATOM   23  H "H1'"  . DC  A 1 1  ? 6.819   -18.021 -1.443  1.00 0.00 ? 1  DC  A "H1'"  1 
ATOM   24  H H41    . DC  A 1 1  ? 7.591   -15.788 4.387   1.00 0.00 ? 1  DC  A H41    1 
ATOM   25  H H42    . DC  A 1 1  ? 9.323   -15.549 4.202   1.00 0.00 ? 1  DC  A H42    1 
ATOM   26  H H5     . DC  A 1 1  ? 10.486  -16.558 2.265   1.00 0.00 ? 1  DC  A H5     1 
ATOM   27  H H6     . DC  A 1 1  ? 10.159  -17.549 0.033   1.00 0.00 ? 1  DC  A H6     1 
ATOM   28  H "HO5'" . DC  A 1 1  ? 11.382  -18.168 -2.016  1.00 0.00 ? 1  DC  A "HO5'" 1 
ATOM   29  P P      . DG  A 1 2  ? 8.215   -16.786 -5.589  1.00 0.00 ? 2  DG  A P      1 
ATOM   30  O OP1    . DG  A 1 2  ? 8.071   -17.265 -6.980  1.00 0.00 ? 2  DG  A OP1    1 
ATOM   31  O OP2    . DG  A 1 2  ? 9.103   -15.641 -5.283  1.00 0.00 ? 2  DG  A OP2    1 
ATOM   32  O "O5'"  . DG  A 1 2  ? 6.763   -16.470 -5.006  1.00 0.00 ? 2  DG  A "O5'"  1 
ATOM   33  C "C5'"  . DG  A 1 2  ? 5.788   -17.516 -4.945  1.00 0.00 ? 2  DG  A "C5'"  1 
ATOM   34  C "C4'"  . DG  A 1 2  ? 4.537   -17.032 -4.251  1.00 0.00 ? 2  DG  A "C4'"  1 
ATOM   35  O "O4'"  . DG  A 1 2  ? 4.818   -16.633 -2.896  1.00 0.00 ? 2  DG  A "O4'"  1 
ATOM   36  C "C3'"  . DG  A 1 2  ? 3.969   -15.852 -5.012  1.00 0.00 ? 2  DG  A "C3'"  1 
ATOM   37  O "O3'"  . DG  A 1 2  ? 2.631   -16.120 -5.454  1.00 0.00 ? 2  DG  A "O3'"  1 
ATOM   38  C "C2'"  . DG  A 1 2  ? 4.184   -14.735 -4.015  1.00 0.00 ? 2  DG  A "C2'"  1 
ATOM   39  C "C1'"  . DG  A 1 2  ? 4.167   -15.387 -2.657  1.00 0.00 ? 2  DG  A "C1'"  1 
ATOM   40  N N9     . DG  A 1 2  ? 4.921   -14.672 -1.625  1.00 0.00 ? 2  DG  A N9     1 
ATOM   41  C C8     . DG  A 1 2  ? 6.159   -14.116 -1.705  1.00 0.00 ? 2  DG  A C8     1 
ATOM   42  N N7     . DG  A 1 2  ? 6.646   -13.725 -0.563  1.00 0.00 ? 2  DG  A N7     1 
ATOM   43  C C5     . DG  A 1 2  ? 5.595   -13.953 0.326   1.00 0.00 ? 2  DG  A C5     1 
ATOM   44  C C6     . DG  A 1 2  ? 5.515   -13.723 1.721   1.00 0.00 ? 2  DG  A C6     1 
ATOM   45  O O6     . DG  A 1 2  ? 6.383   -13.272 2.462   1.00 0.00 ? 2  DG  A O6     1 
ATOM   46  N N1     . DG  A 1 2  ? 4.274   -14.093 2.231   1.00 0.00 ? 2  DG  A N1     1 
ATOM   47  C C2     . DG  A 1 2  ? 3.228   -14.598 1.487   1.00 0.00 ? 2  DG  A C2     1 
ATOM   48  N N2     . DG  A 1 2  ? 2.093   -14.868 2.130   1.00 0.00 ? 2  DG  A N2     1 
ATOM   49  N N3     . DG  A 1 2  ? 3.303   -14.820 0.171   1.00 0.00 ? 2  DG  A N3     1 
ATOM   50  C C4     . DG  A 1 2  ? 4.518   -14.485 -0.331  1.00 0.00 ? 2  DG  A C4     1 
ATOM   51  H "H5'"  . DG  A 1 2  ? 6.195   -18.338 -4.372  1.00 0.00 ? 2  DG  A "H5'"  1 
ATOM   52  H "H5''" . DG  A 1 2  ? 5.543   -17.869 -5.947  1.00 0.00 ? 2  DG  A "H5''" 1 
ATOM   53  H "H4'"  . DG  A 1 2  ? 3.758   -17.782 -4.231  1.00 0.00 ? 2  DG  A "H4'"  1 
ATOM   54  H "H3'"  . DG  A 1 2  ? 4.563   -15.667 -5.902  1.00 0.00 ? 2  DG  A "H3'"  1 
ATOM   55  H "H2'"  . DG  A 1 2  ? 5.175   -14.315 -4.192  1.00 0.00 ? 2  DG  A "H2'"  1 
ATOM   56  H "H2''" . DG  A 1 2  ? 3.393   -14.004 -4.098  1.00 0.00 ? 2  DG  A "H2''" 1 
ATOM   57  H "H1'"  . DG  A 1 2  ? 3.170   -15.515 -2.268  1.00 0.00 ? 2  DG  A "H1'"  1 
ATOM   58  H H8     . DG  A 1 2  ? 6.631   -14.024 -2.680  1.00 0.00 ? 2  DG  A H8     1 
ATOM   59  H H1     . DG  A 1 2  ? 4.136   -13.986 3.226   1.00 0.00 ? 2  DG  A H1     1 
ATOM   60  H H21    . DG  A 1 2  ? 2.012   -14.743 3.130   1.00 0.00 ? 2  DG  A H21    1 
ATOM   61  H H22    . DG  A 1 2  ? 1.310   -15.194 1.585   1.00 0.00 ? 2  DG  A H22    1 
ATOM   62  P P      . DC  A 1 3  ? 1.530   -14.971 -5.682  1.00 0.00 ? 3  DC  A P      1 
ATOM   63  O OP1    . DC  A 1 3  ? 0.389   -15.537 -6.437  1.00 0.00 ? 3  DC  A OP1    1 
ATOM   64  O OP2    . DC  A 1 3  ? 2.206   -13.741 -6.156  1.00 0.00 ? 3  DC  A OP2    1 
ATOM   65  O "O5'"  . DC  A 1 3  ? 1.069   -14.749 -4.157  1.00 0.00 ? 3  DC  A "O5'"  1 
ATOM   66  C "C5'"  . DC  A 1 3  ? 0.412   -15.821 -3.466  1.00 0.00 ? 3  DC  A "C5'"  1 
ATOM   67  C "C4'"  . DC  A 1 3  ? -0.424  -15.360 -2.269  1.00 0.00 ? 3  DC  A "C4'"  1 
ATOM   68  O "O4'"  . DC  A 1 3  ? 0.381   -14.797 -1.223  1.00 0.00 ? 3  DC  A "O4'"  1 
ATOM   69  C "C3'"  . DC  A 1 3  ? -1.487  -14.336 -2.656  1.00 0.00 ? 3  DC  A "C3'"  1 
ATOM   70  O "O3'"  . DC  A 1 3  ? -2.792  -14.793 -2.273  1.00 0.00 ? 3  DC  A "O3'"  1 
ATOM   71  C "C2'"  . DC  A 1 3  ? -1.002  -13.055 -1.974  1.00 0.00 ? 3  DC  A "C2'"  1 
ATOM   72  C "C1'"  . DC  A 1 3  ? -0.123  -13.516 -0.802  1.00 0.00 ? 3  DC  A "C1'"  1 
ATOM   73  N N1     . DC  A 1 3  ? 1.076   -12.658 -0.596  1.00 0.00 ? 3  DC  A N1     1 
ATOM   74  C C2     . DC  A 1 3  ? 1.314   -12.090 0.652   1.00 0.00 ? 3  DC  A C2     1 
ATOM   75  O O2     . DC  A 1 3  ? 0.510   -12.202 1.574   1.00 0.00 ? 3  DC  A O2     1 
ATOM   76  N N3     . DC  A 1 3  ? 2.473   -11.404 0.849   1.00 0.00 ? 3  DC  A N3     1 
ATOM   77  C C4     . DC  A 1 3  ? 3.391   -11.286 -0.118  1.00 0.00 ? 3  DC  A C4     1 
ATOM   78  N N4     . DC  A 1 3  ? 4.531   -10.644 0.144   1.00 0.00 ? 3  DC  A N4     1 
ATOM   79  C C5     . DC  A 1 3  ? 3.160   -11.838 -1.417  1.00 0.00 ? 3  DC  A C5     1 
ATOM   80  C C6     . DC  A 1 3  ? 1.954   -12.470 -1.622  1.00 0.00 ? 3  DC  A C6     1 
ATOM   81  H "H5'"  . DC  A 1 3  ? 1.129   -16.574 -3.156  1.00 0.00 ? 3  DC  A "H5'"  1 
ATOM   82  H "H5''" . DC  A 1 3  ? -0.232  -16.307 -4.181  1.00 0.00 ? 3  DC  A "H5''" 1 
ATOM   83  H "H4'"  . DC  A 1 3  ? -0.949  -16.221 -1.855  1.00 0.00 ? 3  DC  A "H4'"  1 
ATOM   84  H "H3'"  . DC  A 1 3  ? -1.499  -14.253 -3.741  1.00 0.00 ? 3  DC  A "H3'"  1 
ATOM   85  H "H2'"  . DC  A 1 3  ? -0.447  -12.457 -2.711  1.00 0.00 ? 3  DC  A "H2'"  1 
ATOM   86  H "H2''" . DC  A 1 3  ? -1.823  -12.467 -1.579  1.00 0.00 ? 3  DC  A "H2''" 1 
ATOM   87  H "H1'"  . DC  A 1 3  ? -0.682  -13.602 0.138   1.00 0.00 ? 3  DC  A "H1'"  1 
ATOM   88  H H41    . DC  A 1 3  ? 4.778   -10.384 1.092   1.00 0.00 ? 3  DC  A H41    1 
ATOM   89  H H42    . DC  A 1 3  ? 5.197   -10.480 -0.595  1.00 0.00 ? 3  DC  A H42    1 
ATOM   90  H H5     . DC  A 1 3  ? 3.863   -11.806 -2.220  1.00 0.00 ? 3  DC  A H5     1 
ATOM   91  H H6     . DC  A 1 3  ? 1.713   -12.807 -2.607  1.00 0.00 ? 3  DC  A H6     1 
HETATM 92  P P      . IGU A 1 4  ? -4.165  -14.084 -2.763  1.00 0.00 ? 4  IGU A P      1 
HETATM 93  O OP1    . IGU A 1 4  ? -5.248  -15.093 -2.745  1.00 0.00 ? 4  IGU A OP1    1 
HETATM 94  O OP2    . IGU A 1 4  ? -3.890  -13.313 -3.996  1.00 0.00 ? 4  IGU A OP2    1 
HETATM 95  O "O5'"  . IGU A 1 4  ? -4.393  -13.048 -1.560  1.00 0.00 ? 4  IGU A "O5'"  1 
HETATM 96  C "C5'"  . IGU A 1 4  ? -4.424  -13.559 -0.225  1.00 0.00 ? 4  IGU A "C5'"  1 
HETATM 97  C "C4'"  . IGU A 1 4  ? -4.130  -12.482 0.820   1.00 0.00 ? 4  IGU A "C4'"  1 
HETATM 98  O "O4'"  . IGU A 1 4  ? -2.813  -11.909 0.612   1.00 0.00 ? 4  IGU A "O4'"  1 
HETATM 99  C "C3'"  . IGU A 1 4  ? -5.167  -11.354 0.746   1.00 0.00 ? 4  IGU A "C3'"  1 
HETATM 100 O "O3'"  . IGU A 1 4  ? -5.733  -10.991 2.019   1.00 0.00 ? 4  IGU A "O3'"  1 
HETATM 101 C "C2'"  . IGU A 1 4  ? -4.337  -10.292 0.053   1.00 0.00 ? 4  IGU A "C2'"  1 
HETATM 102 C "C1'"  . IGU A 1 4  ? -2.920  -10.478 0.598   1.00 0.00 ? 4  IGU A "C1'"  1 
HETATM 103 N N9     . IGU A 1 4  ? -1.879  -9.863  -0.265  1.00 0.00 ? 4  IGU A N9     1 
HETATM 104 C C8     . IGU A 1 4  ? -1.885  -9.678  -1.626  1.00 0.00 ? 4  IGU A C8     1 
HETATM 105 N N7     . IGU A 1 4  ? -0.791  -9.172  -2.115  1.00 0.00 ? 4  IGU A N7     1 
HETATM 106 C C6     . IGU A 1 4  ? 1.265   -8.406  -0.808  1.00 0.00 ? 4  IGU A C6     1 
HETATM 107 N N6     . IGU A 1 4  ? 2.038   -7.961  -1.800  1.00 0.00 ? 4  IGU A N6     1 
HETATM 108 C C5     . IGU A 1 4  ? -0.014  -8.952  -0.988  1.00 0.00 ? 4  IGU A C5     1 
HETATM 109 N N1     . IGU A 1 4  ? 1.751   -8.331  0.490   1.00 0.00 ? 4  IGU A N1     1 
HETATM 110 C C2     . IGU A 1 4  ? 1.053   -8.746  1.621   1.00 0.00 ? 4  IGU A C2     1 
HETATM 111 O O2     . IGU A 1 4  ? 1.555   -8.635  2.736   1.00 0.00 ? 4  IGU A O2     1 
HETATM 112 N N3     . IGU A 1 4  ? -0.186  -9.270  1.422   1.00 0.00 ? 4  IGU A N3     1 
HETATM 113 C C4     . IGU A 1 4  ? -0.664  -9.355  0.150   1.00 0.00 ? 4  IGU A C4     1 
HETATM 114 H H1     . IGU A 1 4  ? 2.675   -7.955  0.669   1.00 0.00 ? 4  IGU A H1     1 
HETATM 115 H "H5'"  . IGU A 1 4  ? -3.634  -14.295 -0.151  1.00 0.00 ? 4  IGU A "H5'"  1 
HETATM 116 H "H5''" . IGU A 1 4  ? -5.387  -14.051 -0.063  1.00 0.00 ? 4  IGU A "H5''" 1 
HETATM 117 H "H4'"  . IGU A 1 4  ? -4.129  -12.919 1.819   1.00 0.00 ? 4  IGU A "H4'"  1 
HETATM 118 H "H3'"  . IGU A 1 4  ? -6.001  -11.684 0.125   1.00 0.00 ? 4  IGU A "H3'"  1 
HETATM 119 H "H2'"  . IGU A 1 4  ? -4.443  -10.512 -1.005  1.00 0.00 ? 4  IGU A "H2'"  1 
HETATM 120 H "H2''" . IGU A 1 4  ? -4.682  -9.280  0.195   1.00 0.00 ? 4  IGU A "H2''" 1 
HETATM 121 H "H1'"  . IGU A 1 4  ? -2.808  -10.084 1.617   1.00 0.00 ? 4  IGU A "H1'"  1 
HETATM 122 H H8     . IGU A 1 4  ? -2.733  -9.913  -2.263  1.00 0.00 ? 4  IGU A H8     1 
HETATM 123 H HN61   . IGU A 1 4  ? 1.758   -8.098  -2.761  1.00 0.00 ? 4  IGU A HN61   1 
HETATM 124 H HN62   . IGU A 1 4  ? 2.852   -7.403  -1.586  1.00 0.00 ? 4  IGU A HN62   1 
ATOM   125 P P      . DA  A 1 5  ? -6.163  -9.480  2.396   1.00 0.00 ? 5  DA  A P      1 
ATOM   126 O OP1    . DA  A 1 5  ? -7.079  -9.518  3.558   1.00 0.00 ? 5  DA  A OP1    1 
ATOM   127 O OP2    . DA  A 1 5  ? -6.569  -8.772  1.158   1.00 0.00 ? 5  DA  A OP2    1 
ATOM   128 O "O5'"  . DA  A 1 5  ? -4.743  -8.918  2.897   1.00 0.00 ? 5  DA  A "O5'"  1 
ATOM   129 C "C5'"  . DA  A 1 5  ? -4.211  -9.415  4.134   1.00 0.00 ? 5  DA  A "C5'"  1 
ATOM   130 C "C4'"  . DA  A 1 5  ? -3.456  -8.356  4.913   1.00 0.00 ? 5  DA  A "C4'"  1 
ATOM   131 O "O4'"  . DA  A 1 5  ? -2.258  -7.935  4.224   1.00 0.00 ? 5  DA  A "O4'"  1 
ATOM   132 C "C3'"  . DA  A 1 5  ? -4.336  -7.126  5.152   1.00 0.00 ? 5  DA  A "C3'"  1 
ATOM   133 O "O3'"  . DA  A 1 5  ? -4.216  -6.609  6.489   1.00 0.00 ? 5  DA  A "O3'"  1 
ATOM   134 C "C2'"  . DA  A 1 5  ? -3.832  -6.268  4.000   1.00 0.00 ? 5  DA  A "C2'"  1 
ATOM   135 C "C1'"  . DA  A 1 5  ? -2.338  -6.532  3.950   1.00 0.00 ? 5  DA  A "C1'"  1 
ATOM   136 N N9     . DA  A 1 5  ? -1.700  -6.255  2.650   1.00 0.00 ? 5  DA  A N9     1 
ATOM   137 C C8     . DA  A 1 5  ? -2.128  -6.566  1.383   1.00 0.00 ? 5  DA  A C8     1 
ATOM   138 N N7     . DA  A 1 5  ? -1.304  -6.233  0.439   1.00 0.00 ? 5  DA  A N7     1 
ATOM   139 C C5     . DA  A 1 5  ? -0.248  -5.651  1.127   1.00 0.00 ? 5  DA  A C5     1 
ATOM   140 C C6     . DA  A 1 5  ? 0.957   -5.105  0.695   1.00 0.00 ? 5  DA  A C6     1 
ATOM   141 N N6     . DA  A 1 5  ? 1.269   -5.080  -0.599  1.00 0.00 ? 5  DA  A N6     1 
ATOM   142 N N1     . DA  A 1 5  ? 1.785   -4.609  1.629   1.00 0.00 ? 5  DA  A N1     1 
ATOM   143 C C2     . DA  A 1 5  ? 1.432   -4.653  2.913   1.00 0.00 ? 5  DA  A C2     1 
ATOM   144 N N3     . DA  A 1 5  ? 0.318   -5.140  3.439   1.00 0.00 ? 5  DA  A N3     1 
ATOM   145 C C4     . DA  A 1 5  ? -0.487  -5.638  2.472   1.00 0.00 ? 5  DA  A C4     1 
ATOM   146 H "H5'"  . DA  A 1 5  ? -3.539  -10.253 3.973   1.00 0.00 ? 5  DA  A "H5'"  1 
ATOM   147 H "H5''" . DA  A 1 5  ? -5.036  -9.748  4.753   1.00 0.00 ? 5  DA  A "H5''" 1 
ATOM   148 H "H4'"  . DA  A 1 5  ? -3.181  -8.798  5.866   1.00 0.00 ? 5  DA  A "H4'"  1 
ATOM   149 H "H3'"  . DA  A 1 5  ? -5.389  -7.385  5.049   1.00 0.00 ? 5  DA  A "H3'"  1 
ATOM   150 H "H2'"  . DA  A 1 5  ? -4.286  -6.674  3.093   1.00 0.00 ? 5  DA  A "H2'"  1 
ATOM   151 H "H2''" . DA  A 1 5  ? -4.050  -5.212  4.101   1.00 0.00 ? 5  DA  A "H2''" 1 
ATOM   152 H "H1'"  . DA  A 1 5  ? -1.809  -5.970  4.715   1.00 0.00 ? 5  DA  A "H1'"  1 
ATOM   153 H H8     . DA  A 1 5  ? -3.073  -7.055  1.163   1.00 0.00 ? 5  DA  A H8     1 
ATOM   154 H H61    . DA  A 1 5  ? 2.181   -4.794  -0.930  1.00 0.00 ? 5  DA  A H61    1 
ATOM   155 H H62    . DA  A 1 5  ? 0.588   -5.407  -1.271  1.00 0.00 ? 5  DA  A H62    1 
ATOM   156 H H2     . DA  A 1 5  ? 2.134   -4.242  3.644   1.00 0.00 ? 5  DA  A H2     1 
ATOM   157 P P      . DA  A 1 6  ? -4.670  -5.117  6.925   1.00 0.00 ? 6  DA  A P      1 
ATOM   158 O OP1    . DA  A 1 6  ? -5.040  -5.105  8.359   1.00 0.00 ? 6  DA  A OP1    1 
ATOM   159 O OP2    . DA  A 1 6  ? -5.596  -4.579  5.903   1.00 0.00 ? 6  DA  A OP2    1 
ATOM   160 O "O5'"  . DA  A 1 6  ? -3.251  -4.390  6.775   1.00 0.00 ? 6  DA  A "O5'"  1 
ATOM   161 C "C5'"  . DA  A 1 6  ? -2.171  -4.878  7.579   1.00 0.00 ? 6  DA  A "C5'"  1 
ATOM   162 C "C4'"  . DA  A 1 6  ? -1.060  -3.851  7.711   1.00 0.00 ? 6  DA  A "C4'"  1 
ATOM   163 O "O4'"  . DA  A 1 6  ? -0.441  -3.604  6.445   1.00 0.00 ? 6  DA  A "O4'"  1 
ATOM   164 C "C3'"  . DA  A 1 6  ? -1.567  -2.544  8.281   1.00 0.00 ? 6  DA  A "C3'"  1 
ATOM   165 O "O3'"  . DA  A 1 6  ? -0.767  -2.069  9.365   1.00 0.00 ? 6  DA  A "O3'"  1 
ATOM   166 C "C2'"  . DA  A 1 6  ? -1.653  -1.694  7.032   1.00 0.00 ? 6  DA  A "C2'"  1 
ATOM   167 C "C1'"  . DA  A 1 6  ? -0.549  -2.223  6.118   1.00 0.00 ? 6  DA  A "C1'"  1 
ATOM   168 N N9     . DA  A 1 6  ? -0.888  -2.261  4.679   1.00 0.00 ? 6  DA  A N9     1 
ATOM   169 C C8     . DA  A 1 6  ? -2.045  -2.685  4.071   1.00 0.00 ? 6  DA  A C8     1 
ATOM   170 N N7     . DA  A 1 6  ? -2.027  -2.624  2.773   1.00 0.00 ? 6  DA  A N7     1 
ATOM   171 C C5     . DA  A 1 6  ? -0.754  -2.140  2.493   1.00 0.00 ? 6  DA  A C5     1 
ATOM   172 C C6     . DA  A 1 6  ? -0.096  -1.863  1.291   1.00 0.00 ? 6  DA  A C6     1 
ATOM   173 N N6     . DA  A 1 6  ? -0.673  -2.043  0.105   1.00 0.00 ? 6  DA  A N6     1 
ATOM   174 N N1     . DA  A 1 6  ? 1.161   -1.399  1.369   1.00 0.00 ? 6  DA  A N1     1 
ATOM   175 C C2     . DA  A 1 6  ? 1.730   -1.228  2.560   1.00 0.00 ? 6  DA  A C2     1 
ATOM   176 N N3     . DA  A 1 6  ? 1.207   -1.441  3.755   1.00 0.00 ? 6  DA  A N3     1 
ATOM   177 C C4     . DA  A 1 6  ? -0.057  -1.907  3.648   1.00 0.00 ? 6  DA  A C4     1 
ATOM   178 H "H5'"  . DA  A 1 6  ? -1.743  -5.741  7.081   1.00 0.00 ? 6  DA  A "H5'"  1 
ATOM   179 H "H5''" . DA  A 1 6  ? -2.559  -5.188  8.553   1.00 0.00 ? 6  DA  A "H5''" 1 
ATOM   180 H "H4'"  . DA  A 1 6  ? -0.267  -4.185  8.367   1.00 0.00 ? 6  DA  A "H4'"  1 
ATOM   181 H "H3'"  . DA  A 1 6  ? -2.548  -2.676  8.716   1.00 0.00 ? 6  DA  A "H3'"  1 
ATOM   182 H "H2'"  . DA  A 1 6  ? -2.638  -1.890  6.599   1.00 0.00 ? 6  DA  A "H2'"  1 
ATOM   183 H "H2''" . DA  A 1 6  ? -1.519  -0.637  7.259   1.00 0.00 ? 6  DA  A "H2''" 1 
ATOM   184 H "H1'"  . DA  A 1 6  ? 0.387   -1.700  6.321   1.00 0.00 ? 6  DA  A "H1'"  1 
ATOM   185 H H8     . DA  A 1 6  ? -2.909  -3.058  4.617   1.00 0.00 ? 6  DA  A H8     1 
ATOM   186 H H61    . DA  A 1 6  ? -0.164  -1.876  -0.753  1.00 0.00 ? 6  DA  A H61    1 
ATOM   187 H H62    . DA  A 1 6  ? -1.628  -2.368  0.063   1.00 0.00 ? 6  DA  A H62    1 
ATOM   188 H H2     . DA  A 1 6  ? 2.759   -0.869  2.587   1.00 0.00 ? 6  DA  A H2     1 
ATOM   189 P P      . DT  A 1 7  ? -1.174  -0.719  10.146  1.00 0.00 ? 7  DT  A P      1 
ATOM   190 O OP1    . DT  A 1 7  ? -0.506  -0.710  11.466  1.00 0.00 ? 7  DT  A OP1    1 
ATOM   191 O OP2    . DT  A 1 7  ? -2.642  -0.533  10.050  1.00 0.00 ? 7  DT  A OP2    1 
ATOM   192 O "O5'"  . DT  A 1 7  ? -0.440  0.324   9.180   1.00 0.00 ? 7  DT  A "O5'"  1 
ATOM   193 C "C5'"  . DT  A 1 7  ? 0.978   0.210   9.021   1.00 0.00 ? 7  DT  A "C5'"  1 
ATOM   194 C "C4'"  . DT  A 1 7  ? 1.448   0.934   7.759   1.00 0.00 ? 7  DT  A "C4'"  1 
ATOM   195 O "O4'"  . DT  A 1 7  ? 0.798   0.419   6.584   1.00 0.00 ? 7  DT  A "O4'"  1 
ATOM   196 C "C3'"  . DT  A 1 7  ? 1.060   2.407   7.823   1.00 0.00 ? 7  DT  A "C3'"  1 
ATOM   197 O "O3'"  . DT  A 1 7  ? 2.048   3.314   8.341   1.00 0.00 ? 7  DT  A "O3'"  1 
ATOM   198 C "C2'"  . DT  A 1 7  ? 0.717   2.676   6.375   1.00 0.00 ? 7  DT  A "C2'"  1 
ATOM   199 C "C1'"  . DT  A 1 7  ? 0.998   1.427   5.586   1.00 0.00 ? 7  DT  A "C1'"  1 
ATOM   200 N N1     . DT  A 1 7  ? 0.013   1.350   4.482   1.00 0.00 ? 7  DT  A N1     1 
ATOM   201 C C2     . DT  A 1 7  ? 0.440   1.603   3.194   1.00 0.00 ? 7  DT  A C2     1 
ATOM   202 O O2     . DT  A 1 7  ? 1.583   1.966   2.918   1.00 0.00 ? 7  DT  A O2     1 
ATOM   203 N N3     . DT  A 1 7  ? -0.507  1.436   2.205   1.00 0.00 ? 7  DT  A N3     1 
ATOM   204 C C4     . DT  A 1 7  ? -1.817  1.026   2.376   1.00 0.00 ? 7  DT  A C4     1 
ATOM   205 O O4     . DT  A 1 7  ? -2.542  0.856   1.396   1.00 0.00 ? 7  DT  A O4     1 
ATOM   206 C C5     . DT  A 1 7  ? -2.192  0.828   3.763   1.00 0.00 ? 7  DT  A C5     1 
ATOM   207 C C7     . DT  A 1 7  ? -3.626  0.386   4.109   1.00 0.00 ? 7  DT  A C7     1 
ATOM   208 C C6     . DT  A 1 7  ? -1.284  1.031   4.746   1.00 0.00 ? 7  DT  A C6     1 
ATOM   209 H "H5'"  . DT  A 1 7  ? 1.243   -0.846  8.974   1.00 0.00 ? 7  DT  A "H5'"  1 
ATOM   210 H "H5''" . DT  A 1 7  ? 1.445   0.637   9.910   1.00 0.00 ? 7  DT  A "H5''" 1 
ATOM   211 H "H4'"  . DT  A 1 7  ? 2.512   0.831   7.589   1.00 0.00 ? 7  DT  A "H4'"  1 
ATOM   212 H "H3'"  . DT  A 1 7  ? 0.143   2.490   8.409   1.00 0.00 ? 7  DT  A "H3'"  1 
ATOM   213 H "H2'"  . DT  A 1 7  ? -0.361  2.827   6.345   1.00 0.00 ? 7  DT  A "H2'"  1 
ATOM   214 H "H2''" . DT  A 1 7  ? 1.279   3.491   5.947   1.00 0.00 ? 7  DT  A "H2''" 1 
ATOM   215 H "H1'"  . DT  A 1 7  ? 2.017   1.440   5.191   1.00 0.00 ? 7  DT  A "H1'"  1 
ATOM   216 H H3     . DT  A 1 7  ? -0.197  1.643   1.267   1.00 0.00 ? 7  DT  A H3     1 
ATOM   217 H H71    . DT  A 1 7  ? -4.120  1.147   4.714   1.00 0.00 ? 7  DT  A H71    1 
ATOM   218 H H72    . DT  A 1 7  ? -3.613  -0.554  4.662   1.00 0.00 ? 7  DT  A H72    1 
ATOM   219 H H73    . DT  A 1 7  ? -4.206  0.239   3.196   1.00 0.00 ? 7  DT  A H73    1 
ATOM   220 H H6     . DT  A 1 7  ? -1.497  0.978   5.791   1.00 0.00 ? 7  DT  A H6     1 
ATOM   221 P P      . DT  A 1 8  ? 1.689   4.883   8.556   1.00 0.00 ? 8  DT  A P      1 
ATOM   222 O OP1    . DT  A 1 8  ? 2.420   5.381   9.743   1.00 0.00 ? 8  DT  A OP1    1 
ATOM   223 O OP2    . DT  A 1 8  ? 0.215   5.017   8.483   1.00 0.00 ? 8  DT  A OP2    1 
ATOM   224 O "O5'"  . DT  A 1 8  ? 2.317   5.566   7.244   1.00 0.00 ? 8  DT  A "O5'"  1 
ATOM   225 C "C5'"  . DT  A 1 8  ? 3.683   5.287   6.937   1.00 0.00 ? 8  DT  A "C5'"  1 
ATOM   226 C "C4'"  . DT  A 1 8  ? 4.045   5.620   5.474   1.00 0.00 ? 8  DT  A "C4'"  1 
ATOM   227 O "O4'"  . DT  A 1 8  ? 3.118   4.938   4.600   1.00 0.00 ? 8  DT  A "O4'"  1 
ATOM   228 C "C3'"  . DT  A 1 8  ? 3.983   7.119   5.121   1.00 0.00 ? 8  DT  A "C3'"  1 
ATOM   229 O "O3'"  . DT  A 1 8  ? 5.056   7.526   4.247   1.00 0.00 ? 8  DT  A "O3'"  1 
ATOM   230 C "C2'"  . DT  A 1 8  ? 2.626   7.194   4.474   1.00 0.00 ? 8  DT  A "C2'"  1 
ATOM   231 C "C1'"  . DT  A 1 8  ? 2.530   5.885   3.690   1.00 0.00 ? 8  DT  A "C1'"  1 
ATOM   232 N N1     . DT  A 1 8  ? 1.130   5.551   3.329   1.00 0.00 ? 8  DT  A N1     1 
ATOM   233 C C2     . DT  A 1 8  ? 0.796   5.455   1.979   1.00 0.00 ? 8  DT  A C2     1 
ATOM   234 O O2     . DT  A 1 8  ? 1.608   5.573   1.062   1.00 0.00 ? 8  DT  A O2     1 
ATOM   235 N N3     . DT  A 1 8  ? -0.534  5.218   1.707   1.00 0.00 ? 8  DT  A N3     1 
ATOM   236 C C4     . DT  A 1 8  ? -1.546  5.061   2.635   1.00 0.00 ? 8  DT  A C4     1 
ATOM   237 O O4     . DT  A 1 8  ? -2.709  4.915   2.265   1.00 0.00 ? 8  DT  A O4     1 
ATOM   238 C C5     . DT  A 1 8  ? -1.104  5.106   4.012   1.00 0.00 ? 8  DT  A C5     1 
ATOM   239 C C7     . DT  A 1 8  ? -2.133  4.863   5.128   1.00 0.00 ? 8  DT  A C7     1 
ATOM   240 C C6     . DT  A 1 8  ? 0.191   5.353   4.310   1.00 0.00 ? 8  DT  A C6     1 
ATOM   241 H "H5'"  . DT  A 1 8  ? 3.806   4.214   7.113   1.00 0.00 ? 8  DT  A "H5'"  1 
ATOM   242 H "H5''" . DT  A 1 8  ? 4.299   5.843   7.648   1.00 0.00 ? 8  DT  A "H5''" 1 
ATOM   243 H "H4'"  . DT  A 1 8  ? 5.044   5.260   5.219   1.00 0.00 ? 8  DT  A "H4'"  1 
ATOM   244 H "H3'"  . DT  A 1 8  ? 4.058   7.732   6.020   1.00 0.00 ? 8  DT  A "H3'"  1 
ATOM   245 H "H2'"  . DT  A 1 8  ? 1.895   7.236   5.289   1.00 0.00 ? 8  DT  A "H2'"  1 
ATOM   246 H "H2''" . DT  A 1 8  ? 2.517   8.067   3.835   1.00 0.00 ? 8  DT  A "H2''" 1 
ATOM   247 H "H1'"  . DT  A 1 8  ? 3.119   5.918   2.772   1.00 0.00 ? 8  DT  A "H1'"  1 
ATOM   248 H H3     . DT  A 1 8  ? -0.768  5.157   0.725   1.00 0.00 ? 8  DT  A H3     1 
ATOM   249 H H71    . DT  A 1 8  ? -2.167  5.719   5.801   1.00 0.00 ? 8  DT  A H71    1 
ATOM   250 H H72    . DT  A 1 8  ? -1.883  3.965   5.688   1.00 0.00 ? 8  DT  A H72    1 
ATOM   251 H H73    . DT  A 1 8  ? -3.122  4.720   4.690   1.00 0.00 ? 8  DT  A H73    1 
ATOM   252 H H6     . DT  A 1 8  ? 0.534   5.408   5.329   1.00 0.00 ? 8  DT  A H6     1 
ATOM   253 P P      . DT  A 1 9  ? 5.119   8.971   3.495   1.00 0.00 ? 9  DT  A P      1 
ATOM   254 O OP1    . DT  A 1 9  ? 6.536   9.379   3.348   1.00 0.00 ? 9  DT  A OP1    1 
ATOM   255 O OP2    . DT  A 1 9  ? 4.155   9.883   4.159   1.00 0.00 ? 9  DT  A OP2    1 
ATOM   256 O "O5'"  . DT  A 1 9  ? 4.563   8.630   2.018   1.00 0.00 ? 9  DT  A "O5'"  1 
ATOM   257 C "C5'"  . DT  A 1 9  ? 5.385   7.856   1.130   1.00 0.00 ? 9  DT  A "C5'"  1 
ATOM   258 C "C4'"  . DT  A 1 9  ? 5.171   8.153   -0.368  1.00 0.00 ? 9  DT  A "C4'"  1 
ATOM   259 O "O4'"  . DT  A 1 9  ? 3.865   7.785   -0.858  1.00 0.00 ? 9  DT  A "O4'"  1 
ATOM   260 C "C3'"  . DT  A 1 9  ? 5.382   9.630   -0.707  1.00 0.00 ? 9  DT  A "C3'"  1 
ATOM   261 O "O3'"  . DT  A 1 9  ? 6.080   9.824   -1.945  1.00 0.00 ? 9  DT  A "O3'"  1 
ATOM   262 C "C2'"  . DT  A 1 9  ? 3.946   10.107  -0.760  1.00 0.00 ? 9  DT  A "C2'"  1 
ATOM   263 C "C1'"  . DT  A 1 9  ? 3.170   8.935   -1.372  1.00 0.00 ? 9  DT  A "C1'"  1 
ATOM   264 N N1     . DT  A 1 9  ? 1.749   8.840   -0.933  1.00 0.00 ? 9  DT  A N1     1 
ATOM   265 C C2     . DT  A 1 9  ? 0.763   8.748   -1.907  1.00 0.00 ? 9  DT  A C2     1 
ATOM   266 O O2     . DT  A 1 9  ? 1.005   8.846   -3.108  1.00 0.00 ? 9  DT  A O2     1 
ATOM   267 N N3     . DT  A 1 9  ? -0.524  8.549   -1.444  1.00 0.00 ? 9  DT  A N3     1 
ATOM   268 C C4     . DT  A 1 9  ? -0.923  8.521   -0.120  1.00 0.00 ? 9  DT  A C4     1 
ATOM   269 O O4     . DT  A 1 9  ? -2.100  8.309   0.175   1.00 0.00 ? 9  DT  A O4     1 
ATOM   270 C C5     . DT  A 1 9  ? 0.148   8.746   0.824   1.00 0.00 ? 9  DT  A C5     1 
ATOM   271 C C7     . DT  A 1 9  ? -0.201  8.915   2.311   1.00 0.00 ? 9  DT  A C7     1 
ATOM   272 C C6     . DT  A 1 9  ? 1.433   8.828   0.401   1.00 0.00 ? 9  DT  A C6     1 
ATOM   273 H "H5'"  . DT  A 1 9  ? 5.202   6.802   1.335   1.00 0.00 ? 9  DT  A "H5'"  1 
ATOM   274 H "H5''" . DT  A 1 9  ? 6.424   8.084   1.364   1.00 0.00 ? 9  DT  A "H5''" 1 
ATOM   275 H "H4'"  . DT  A 1 9  ? 5.909   7.581   -0.932  1.00 0.00 ? 9  DT  A "H4'"  1 
ATOM   276 H "H3'"  . DT  A 1 9  ? 5.971   10.093  0.088   1.00 0.00 ? 9  DT  A "H3'"  1 
ATOM   277 H "H2'"  . DT  A 1 9  ? 3.655   10.276  0.275   1.00 0.00 ? 9  DT  A "H2'"  1 
ATOM   278 H "H2''" . DT  A 1 9  ? 3.826   11.023  -1.334  1.00 0.00 ? 9  DT  A "H2''" 1 
ATOM   279 H "H1'"  . DT  A 1 9  ? 3.223   8.967   -2.468  1.00 0.00 ? 9  DT  A "H1'"  1 
ATOM   280 H H3     . DT  A 1 9  ? -1.238  8.408   -2.148  1.00 0.00 ? 9  DT  A H3     1 
ATOM   281 H H71    . DT  A 1 9  ? 0.097   9.908   2.648   1.00 0.00 ? 9  DT  A H71    1 
ATOM   282 H H72    . DT  A 1 9  ? 0.288   8.153   2.914   1.00 0.00 ? 9  DT  A H72    1 
ATOM   283 H H73    . DT  A 1 9  ? -1.283  8.831   2.444   1.00 0.00 ? 9  DT  A H73    1 
ATOM   284 H H6     . DT  A 1 9  ? 2.255   8.874   1.092   1.00 0.00 ? 9  DT  A H6     1 
ATOM   285 P P      . DG  A 1 10 ? 6.550   11.286  -2.460  1.00 0.00 ? 10 DG  A P      1 
ATOM   286 O OP1    . DG  A 1 10 ? 7.895   11.146  -3.062  1.00 0.00 ? 10 DG  A OP1    1 
ATOM   287 O OP2    . DG  A 1 10 ? 6.335   12.266  -1.372  1.00 0.00 ? 10 DG  A OP2    1 
ATOM   288 O "O5'"  . DG  A 1 10 ? 5.489   11.617  -3.635  1.00 0.00 ? 10 DG  A "O5'"  1 
ATOM   289 C "C5'"  . DG  A 1 10 ? 5.424   10.797  -4.811  1.00 0.00 ? 10 DG  A "C5'"  1 
ATOM   290 C "C4'"  . DG  A 1 10 ? 4.171   11.062  -5.668  1.00 0.00 ? 10 DG  A "C4'"  1 
ATOM   291 O "O4'"  . DG  A 1 10 ? 3.007   10.845  -4.855  1.00 0.00 ? 10 DG  A "O4'"  1 
ATOM   292 C "C3'"  . DG  A 1 10 ? 4.039   12.440  -6.324  1.00 0.00 ? 10 DG  A "C3'"  1 
ATOM   293 O "O3'"  . DG  A 1 10 ? 3.837   12.319  -7.748  1.00 0.00 ? 10 DG  A "O3'"  1 
ATOM   294 C "C2'"  . DG  A 1 10 ? 2.873   13.037  -5.546  1.00 0.00 ? 10 DG  A "C2'"  1 
ATOM   295 C "C1'"  . DG  A 1 10 ? 2.014   11.829  -5.146  1.00 0.00 ? 10 DG  A "C1'"  1 
ATOM   296 N N9     . DG  A 1 10 ? 1.193   11.948  -3.928  1.00 0.00 ? 10 DG  A N9     1 
ATOM   297 C C8     . DG  A 1 10 ? 1.560   12.327  -2.667  1.00 0.00 ? 10 DG  A C8     1 
ATOM   298 N N7     . DG  A 1 10 ? 0.626   12.192  -1.772  1.00 0.00 ? 10 DG  A N7     1 
ATOM   299 C C5     . DG  A 1 10 ? -0.469  11.749  -2.509  1.00 0.00 ? 10 DG  A C5     1 
ATOM   300 C C6     . DG  A 1 10 ? -1.786  11.436  -2.086  1.00 0.00 ? 10 DG  A C6     1 
ATOM   301 O O6     . DG  A 1 10 ? -2.243  11.491  -0.949  1.00 0.00 ? 10 DG  A O6     1 
ATOM   302 N N1     . DG  A 1 10 ? -2.581  11.021  -3.149  1.00 0.00 ? 10 DG  A N1     1 
ATOM   303 C C2     . DG  A 1 10 ? -2.170  10.937  -4.462  1.00 0.00 ? 10 DG  A C2     1 
ATOM   304 N N2     . DG  A 1 10 ? -3.084  10.527  -5.346  1.00 0.00 ? 10 DG  A N2     1 
ATOM   305 N N3     . DG  A 1 10 ? -0.932  11.242  -4.864  1.00 0.00 ? 10 DG  A N3     1 
ATOM   306 C C4     . DG  A 1 10 ? -0.139  11.625  -3.833  1.00 0.00 ? 10 DG  A C4     1 
ATOM   307 H "H5'"  . DG  A 1 10 ? 5.288   9.778   -4.464  1.00 0.00 ? 10 DG  A "H5'"  1 
ATOM   308 H "H5''" . DG  A 1 10 ? 6.378   10.868  -5.348  1.00 0.00 ? 10 DG  A "H5''" 1 
ATOM   309 H "H4'"  . DG  A 1 10 ? 4.081   10.341  -6.475  1.00 0.00 ? 10 DG  A "H4'"  1 
ATOM   310 H "H3'"  . DG  A 1 10 ? 4.957   13.003  -6.177  1.00 0.00 ? 10 DG  A "H3'"  1 
ATOM   311 H "H2'"  . DG  A 1 10 ? 3.321   13.500  -4.665  1.00 0.00 ? 10 DG  A "H2'"  1 
ATOM   312 H "H2''" . DG  A 1 10 ? 2.336   13.784  -6.138  1.00 0.00 ? 10 DG  A "H2''" 1 
ATOM   313 H "H1'"  . DG  A 1 10 ? 1.329   11.497  -5.929  1.00 0.00 ? 10 DG  A "H1'"  1 
ATOM   314 H H8     . DG  A 1 10 ? 2.553   12.715  -2.456  1.00 0.00 ? 10 DG  A H8     1 
ATOM   315 H H1     . DG  A 1 10 ? -3.535  10.752  -2.944  1.00 0.00 ? 10 DG  A H1     1 
ATOM   316 H H21    . DG  A 1 10 ? -4.014  10.264  -5.043  1.00 0.00 ? 10 DG  A H21    1 
ATOM   317 H H22    . DG  A 1 10 ? -2.819  10.475  -6.319  1.00 0.00 ? 10 DG  A H22    1 
ATOM   318 P P      . DC  A 1 11 ? 3.237   13.506  -8.678  1.00 0.00 ? 11 DC  A P      1 
ATOM   319 O OP1    . DC  A 1 11 ? 3.635   13.291  -10.088 1.00 0.00 ? 11 DC  A OP1    1 
ATOM   320 O OP2    . DC  A 1 11 ? 3.516   14.800  -8.012  1.00 0.00 ? 11 DC  A OP2    1 
ATOM   321 O "O5'"  . DC  A 1 11 ? 1.666   13.209  -8.581  1.00 0.00 ? 11 DC  A "O5'"  1 
ATOM   322 C "C5'"  . DC  A 1 11 ? 1.137   12.045  -9.235  1.00 0.00 ? 11 DC  A "C5'"  1 
ATOM   323 C "C4'"  . DC  A 1 11 ? -0.387  12.086  -9.343  1.00 0.00 ? 11 DC  A "C4'"  1 
ATOM   324 O "O4'"  . DC  A 1 11 ? -1.032  12.102  -8.070  1.00 0.00 ? 11 DC  A "O4'"  1 
ATOM   325 C "C3'"  . DC  A 1 11 ? -0.874  13.282  -10.145 1.00 0.00 ? 11 DC  A "C3'"  1 
ATOM   326 O "O3'"  . DC  A 1 11 ? -1.539  12.883  -11.345 1.00 0.00 ? 11 DC  A "O3'"  1 
ATOM   327 C "C2'"  . DC  A 1 11 ? -1.744  14.038  -9.148  1.00 0.00 ? 11 DC  A "C2'"  1 
ATOM   328 C "C1'"  . DC  A 1 11 ? -2.126  13.025  -8.085  1.00 0.00 ? 11 DC  A "C1'"  1 
ATOM   329 N N1     . DC  A 1 11 ? -2.107  13.636  -6.743  1.00 0.00 ? 11 DC  A N1     1 
ATOM   330 C C2     . DC  A 1 11 ? -3.264  13.706  -5.984  1.00 0.00 ? 11 DC  A C2     1 
ATOM   331 O O2     . DC  A 1 11 ? -4.359  13.433  -6.474  1.00 0.00 ? 11 DC  A O2     1 
ATOM   332 N N3     . DC  A 1 11 ? -3.154  14.086  -4.681  1.00 0.00 ? 11 DC  A N3     1 
ATOM   333 C C4     . DC  A 1 11 ? -1.965  14.400  -4.145  1.00 0.00 ? 11 DC  A C4     1 
ATOM   334 N N4     . DC  A 1 11 ? -1.874  14.629  -2.835  1.00 0.00 ? 11 DC  A N4     1 
ATOM   335 C C5     . DC  A 1 11 ? -0.791  14.464  -4.954  1.00 0.00 ? 11 DC  A C5     1 
ATOM   336 C C6     . DC  A 1 11 ? -0.919  14.085  -6.263  1.00 0.00 ? 11 DC  A C6     1 
ATOM   337 H "H5'"  . DC  A 1 11 ? 1.434   11.175  -8.657  1.00 0.00 ? 11 DC  A "H5'"  1 
ATOM   338 H "H5''" . DC  A 1 11 ? 1.575   11.946  -10.234 1.00 0.00 ? 11 DC  A "H5''" 1 
ATOM   339 H "H4'"  . DC  A 1 11 ? -0.759  11.201  -9.829  1.00 0.00 ? 11 DC  A "H4'"  1 
ATOM   340 H "H3'"  . DC  A 1 11 ? -0.001  13.857  -10.448 1.00 0.00 ? 11 DC  A "H3'"  1 
ATOM   341 H "H2'"  . DC  A 1 11 ? -1.117  14.822  -8.705  1.00 0.00 ? 11 DC  A "H2'"  1 
ATOM   342 H "H2''" . DC  A 1 11 ? -2.665  14.443  -9.571  1.00 0.00 ? 11 DC  A "H2''" 1 
ATOM   343 H "H1'"  . DC  A 1 11 ? -3.075  12.523  -8.280  1.00 0.00 ? 11 DC  A "H1'"  1 
ATOM   344 H H41    . DC  A 1 11 ? -2.685  14.550  -2.231  1.00 0.00 ? 11 DC  A H41    1 
ATOM   345 H H42    . DC  A 1 11 ? -0.977  14.843  -2.426  1.00 0.00 ? 11 DC  A H42    1 
ATOM   346 H H5     . DC  A 1 11 ? 0.169   14.770  -4.627  1.00 0.00 ? 11 DC  A H5     1 
ATOM   347 H H6     . DC  A 1 11 ? -0.081  14.141  -6.928  1.00 0.00 ? 11 DC  A H6     1 
ATOM   348 P P      . DG  A 1 12 ? -2.061  13.983  -12.400 1.00 0.00 ? 12 DG  A P      1 
ATOM   349 O OP1    . DG  A 1 12 ? -2.237  13.325  -13.715 1.00 0.00 ? 12 DG  A OP1    1 
ATOM   350 O OP2    . DG  A 1 12 ? -1.225  15.200  -12.291 1.00 0.00 ? 12 DG  A OP2    1 
ATOM   351 O "O5'"  . DG  A 1 12 ? -3.511  14.313  -11.795 1.00 0.00 ? 12 DG  A "O5'"  1 
ATOM   352 C "C5'"  . DG  A 1 12 ? -4.469  13.259  -11.679 1.00 0.00 ? 12 DG  A "C5'"  1 
ATOM   353 C "C4'"  . DG  A 1 12 ? -5.644  13.638  -10.787 1.00 0.00 ? 12 DG  A "C4'"  1 
ATOM   354 O "O4'"  . DG  A 1 12 ? -5.174  14.039  -9.474  1.00 0.00 ? 12 DG  A "O4'"  1 
ATOM   355 C "C3'"  . DG  A 1 12 ? -6.483  14.813  -11.335 1.00 0.00 ? 12 DG  A "C3'"  1 
ATOM   356 O "O3'"  . DG  A 1 12 ? -7.831  14.678  -10.859 1.00 0.00 ? 12 DG  A "O3'"  1 
ATOM   357 C "C2'"  . DG  A 1 12 ? -5.806  15.933  -10.586 1.00 0.00 ? 12 DG  A "C2'"  1 
ATOM   358 C "C1'"  . DG  A 1 12 ? -5.742  15.329  -9.211  1.00 0.00 ? 12 DG  A "C1'"  1 
ATOM   359 N N9     . DG  A 1 12 ? -5.080  16.095  -8.142  1.00 0.00 ? 12 DG  A N9     1 
ATOM   360 C C8     . DG  A 1 12 ? -3.902  16.774  -8.170  1.00 0.00 ? 12 DG  A C8     1 
ATOM   361 N N7     . DG  A 1 12 ? -3.454  17.116  -6.997  1.00 0.00 ? 12 DG  A N7     1 
ATOM   362 C C5     . DG  A 1 12 ? -4.497  16.773  -6.143  1.00 0.00 ? 12 DG  A C5     1 
ATOM   363 C C6     . DG  A 1 12 ? -4.606  16.921  -4.737  1.00 0.00 ? 12 DG  A C6     1 
ATOM   364 O O6     . DG  A 1 12 ? -3.764  17.351  -3.954  1.00 0.00 ? 12 DG  A O6     1 
ATOM   365 N N1     . DG  A 1 12 ? -5.835  16.481  -4.269  1.00 0.00 ? 12 DG  A N1     1 
ATOM   366 C C2     . DG  A 1 12 ? -6.839  15.945  -5.052  1.00 0.00 ? 12 DG  A C2     1 
ATOM   367 N N2     . DG  A 1 12 ? -7.961  15.597  -4.419  1.00 0.00 ? 12 DG  A N2     1 
ATOM   368 N N3     . DG  A 1 12 ? -6.726  15.774  -6.375  1.00 0.00 ? 12 DG  A N3     1 
ATOM   369 C C4     . DG  A 1 12 ? -5.529  16.207  -6.846  1.00 0.00 ? 12 DG  A C4     1 
ATOM   370 H "H5'"  . DG  A 1 12 ? -3.995  12.344  -11.313 1.00 0.00 ? 12 DG  A "H5'"  1 
ATOM   371 H "H5''" . DG  A 1 12 ? -4.859  13.057  -12.670 1.00 0.00 ? 12 DG  A "H5''" 1 
ATOM   372 H "H4'"  . DG  A 1 12 ? -6.285  12.776  -10.654 1.00 0.00 ? 12 DG  A "H4'"  1 
ATOM   373 H "H3'"  . DG  A 1 12 ? -6.503  14.908  -12.422 1.00 0.00 ? 12 DG  A "H3'"  1 
ATOM   374 H "HO3'" . DG  A 1 12 ? -8.359  15.339  -11.312 1.00 0.00 ? 12 DG  A "HO3'" 1 
ATOM   375 H "H2'"  . DG  A 1 12 ? -4.793  16.057  -10.956 1.00 0.00 ? 12 DG  A "H2'"  1 
ATOM   376 H "H2''" . DG  A 1 12 ? -6.337  16.880  -10.609 1.00 0.00 ? 12 DG  A "H2''" 1 
ATOM   377 H "H1'"  . DG  A 1 12 ? -6.745  15.116  -8.892  1.00 0.00 ? 12 DG  A "H1'"  1 
ATOM   378 H H8     . DG  A 1 12 ? -3.423  17.028  -9.111  1.00 0.00 ? 12 DG  A H8     1 
ATOM   379 H H1     . DG  A 1 12 ? -5.989  16.573  -3.275  1.00 0.00 ? 12 DG  A H1     1 
ATOM   380 H H21    . DG  A 1 12 ? -8.024  15.740  -3.419  1.00 0.00 ? 12 DG  A H21    1 
ATOM   381 H H22    . DG  A 1 12 ? -8.730  15.189  -4.929  1.00 0.00 ? 12 DG  A H22    1 
ATOM   382 O "O5'"  . DC  B 1 1  ? -8.888  20.239  3.187   1.00 0.00 ? 13 DC  B "O5'"  1 
ATOM   383 C "C5'"  . DC  B 1 1  ? -10.225 20.103  2.692   1.00 0.00 ? 13 DC  B "C5'"  1 
ATOM   384 C "C4'"  . DC  B 1 1  ? -10.440 18.718  2.006   1.00 0.00 ? 13 DC  B "C4'"  1 
ATOM   385 O "O4'"  . DC  B 1 1  ? -9.553  18.663  0.878   1.00 0.00 ? 13 DC  B "O4'"  1 
ATOM   386 C "C3'"  . DC  B 1 1  ? -10.164 17.495  2.901   1.00 0.00 ? 13 DC  B "C3'"  1 
ATOM   387 O "O3'"  . DC  B 1 1  ? -11.396 16.794  3.083   1.00 0.00 ? 13 DC  B "O3'"  1 
ATOM   388 C "C2'"  . DC  B 1 1  ? -9.071  16.719  2.108   1.00 0.00 ? 13 DC  B "C2'"  1 
ATOM   389 C "C1'"  . DC  B 1 1  ? -9.020  17.345  0.689   1.00 0.00 ? 13 DC  B "C1'"  1 
ATOM   390 N N1     . DC  B 1 1  ? -7.621  17.500  0.212   1.00 0.00 ? 13 DC  B N1     1 
ATOM   391 C C2     . DC  B 1 1  ? -7.212  16.780  -0.903  1.00 0.00 ? 13 DC  B C2     1 
ATOM   392 O O2     . DC  B 1 1  ? -7.999  16.033  -1.483  1.00 0.00 ? 13 DC  B O2     1 
ATOM   393 N N3     . DC  B 1 1  ? -5.931  16.925  -1.340  1.00 0.00 ? 13 DC  B N3     1 
ATOM   394 C C4     . DC  B 1 1  ? -5.061  17.735  -0.715  1.00 0.00 ? 13 DC  B C4     1 
ATOM   395 N N4     . DC  B 1 1  ? -3.816  17.849  -1.186  1.00 0.00 ? 13 DC  B N4     1 
ATOM   396 C C5     . DC  B 1 1  ? -5.453  18.479  0.446   1.00 0.00 ? 13 DC  B C5     1 
ATOM   397 C C6     . DC  B 1 1  ? -6.764  18.342  0.858   1.00 0.00 ? 13 DC  B C6     1 
ATOM   398 H "H5'"  . DC  B 1 1  ? -10.339 20.906  1.955   1.00 0.00 ? 13 DC  B "H5'"  1 
ATOM   399 H "H5''" . DC  B 1 1  ? -10.907 20.312  3.519   1.00 0.00 ? 13 DC  B "H5''" 1 
ATOM   400 H "H4'"  . DC  B 1 1  ? -11.458 18.521  1.639   1.00 0.00 ? 13 DC  B "H4'"  1 
ATOM   401 H "H3'"  . DC  B 1 1  ? -9.885  17.767  3.933   1.00 0.00 ? 13 DC  B "H3'"  1 
ATOM   402 H "H2'"  . DC  B 1 1  ? -8.128  16.868  2.678   1.00 0.00 ? 13 DC  B "H2'"  1 
ATOM   403 H "H2''" . DC  B 1 1  ? -9.283  15.648  1.957   1.00 0.00 ? 13 DC  B "H2''" 1 
ATOM   404 H "H1'"  . DC  B 1 1  ? -9.551  16.796  -0.115  1.00 0.00 ? 13 DC  B "H1'"  1 
ATOM   405 H H41    . DC  B 1 1  ? -3.645  17.557  -2.141  1.00 0.00 ? 13 DC  B H41    1 
ATOM   406 H H42    . DC  B 1 1  ? -3.104  18.338  -0.660  1.00 0.00 ? 13 DC  B H42    1 
ATOM   407 H H5     . DC  B 1 1  ? -4.780  19.116  0.984   1.00 0.00 ? 13 DC  B H5     1 
ATOM   408 H H6     . DC  B 1 1  ? -7.135  18.905  1.690   1.00 0.00 ? 13 DC  B H6     1 
ATOM   409 H "HO5'" . DC  B 1 1  ? -8.646  19.394  3.574   1.00 0.00 ? 13 DC  B "HO5'" 1 
ATOM   410 P P      . DG  B 1 2  ? -11.486 15.319  3.725   1.00 0.00 ? 14 DG  B P      1 
ATOM   411 O OP1    . DG  B 1 2  ? -12.852 15.121  4.257   1.00 0.00 ? 14 DG  B OP1    1 
ATOM   412 O OP2    . DG  B 1 2  ? -10.310 15.101  4.597   1.00 0.00 ? 14 DG  B OP2    1 
ATOM   413 O "O5'"  . DG  B 1 2  ? -11.318 14.428  2.411   1.00 0.00 ? 14 DG  B "O5'"  1 
ATOM   414 C "C5'"  . DG  B 1 2  ? -12.190 14.646  1.298   1.00 0.00 ? 14 DG  B "C5'"  1 
ATOM   415 C "C4'"  . DG  B 1 2  ? -11.778 13.786  0.128   1.00 0.00 ? 14 DG  B "C4'"  1 
ATOM   416 O "O4'"  . DG  B 1 2  ? -10.444 14.111  -0.309  1.00 0.00 ? 14 DG  B "O4'"  1 
ATOM   417 C "C3'"  . DG  B 1 2  ? -11.828 12.327  0.535   1.00 0.00 ? 14 DG  B "C3'"  1 
ATOM   418 O "O3'"  . DG  B 1 2  ? -12.732 11.591  -0.299  1.00 0.00 ? 14 DG  B "O3'"  1 
ATOM   419 C "C2'"  . DG  B 1 2  ? -10.360 11.966  0.498   1.00 0.00 ? 14 DG  B "C2'"  1 
ATOM   420 C "C1'"  . DG  B 1 2  ? -9.734  12.890  -0.514  1.00 0.00 ? 14 DG  B "C1'"  1 
ATOM   421 N N9     . DG  B 1 2  ? -8.308  13.154  -0.305  1.00 0.00 ? 14 DG  B N9     1 
ATOM   422 C C8     . DG  B 1 2  ? -7.657  13.447  0.851   1.00 0.00 ? 14 DG  B C8     1 
ATOM   423 N N7     . DG  B 1 2  ? -6.423  13.825  0.690   1.00 0.00 ? 14 DG  B N7     1 
ATOM   424 C C5     . DG  B 1 2  ? -6.220  13.674  -0.682  1.00 0.00 ? 14 DG  B C5     1 
ATOM   425 C C6     . DG  B 1 2  ? -5.068  13.924  -1.467  1.00 0.00 ? 14 DG  B C6     1 
ATOM   426 O O6     . DG  B 1 2  ? -3.979  14.350  -1.092  1.00 0.00 ? 14 DG  B O6     1 
ATOM   427 N N1     . DG  B 1 2  ? -5.290  13.637  -2.810  1.00 0.00 ? 14 DG  B N1     1 
ATOM   428 C C2     . DG  B 1 2  ? -6.468  13.145  -3.333  1.00 0.00 ? 14 DG  B C2     1 
ATOM   429 N N2     . DG  B 1 2  ? -6.500  12.892  -4.639  1.00 0.00 ? 14 DG  B N2     1 
ATOM   430 N N3     . DG  B 1 2  ? -7.557  12.912  -2.594  1.00 0.00 ? 14 DG  B N3     1 
ATOM   431 C C4     . DG  B 1 2  ? -7.358  13.212  -1.287  1.00 0.00 ? 14 DG  B C4     1 
ATOM   432 H "H5'"  . DG  B 1 2  ? -12.119 15.681  0.998   1.00 0.00 ? 14 DG  B "H5'"  1 
ATOM   433 H "H5''" . DG  B 1 2  ? -13.222 14.427  1.574   1.00 0.00 ? 14 DG  B "H5''" 1 
ATOM   434 H "H4'"  . DG  B 1 2  ? -12.447 13.887  -0.716  1.00 0.00 ? 14 DG  B "H4'"  1 
ATOM   435 H "H3'"  . DG  B 1 2  ? -12.200 12.244  1.553   1.00 0.00 ? 14 DG  B "H3'"  1 
ATOM   436 H "H2'"  . DG  B 1 2  ? -9.937  12.180  1.480   1.00 0.00 ? 14 DG  B "H2'"  1 
ATOM   437 H "H2''" . DG  B 1 2  ? -10.237 10.935  0.200   1.00 0.00 ? 14 DG  B "H2''" 1 
ATOM   438 H "H1'"  . DG  B 1 2  ? -9.828  12.528  -1.525  1.00 0.00 ? 14 DG  B "H1'"  1 
ATOM   439 H H8     . DG  B 1 2  ? -8.184  13.330  1.796   1.00 0.00 ? 14 DG  B H8     1 
ATOM   440 H H1     . DG  B 1 2  ? -4.526  13.810  -3.449  1.00 0.00 ? 14 DG  B H1     1 
ATOM   441 H H21    . DG  B 1 2  ? -5.704  13.088  -5.234  1.00 0.00 ? 14 DG  B H21    1 
ATOM   442 H H22    . DG  B 1 2  ? -7.342  12.489  -5.020  1.00 0.00 ? 14 DG  B H22    1 
ATOM   443 P P      . DC  B 1 3  ? -12.569 10.021  -0.606  1.00 0.00 ? 15 DC  B P      1 
ATOM   444 O OP1    . DC  B 1 3  ? -13.821 9.516   -1.213  1.00 0.00 ? 15 DC  B OP1    1 
ATOM   445 O OP2    . DC  B 1 3  ? -11.991 9.354   0.583   1.00 0.00 ? 15 DC  B OP2    1 
ATOM   446 O "O5'"  . DC  B 1 3  ? -11.443 10.098  -1.752  1.00 0.00 ? 15 DC  B "O5'"  1 
ATOM   447 C "C5'"  . DC  B 1 3  ? -11.761 10.731  -2.999  1.00 0.00 ? 15 DC  B "C5'"  1 
ATOM   448 C "C4'"  . DC  B 1 3  ? -10.856 10.302  -4.157  1.00 0.00 ? 15 DC  B "C4'"  1 
ATOM   449 O "O4'"  . DC  B 1 3  ? -9.493  10.710  -3.968  1.00 0.00 ? 15 DC  B "O4'"  1 
ATOM   450 C "C3'"  . DC  B 1 3  ? -10.875 8.792   -4.386  1.00 0.00 ? 15 DC  B "C3'"  1 
ATOM   451 O "O3'"  . DC  B 1 3  ? -11.263 8.489   -5.733  1.00 0.00 ? 15 DC  B "O3'"  1 
ATOM   452 C "C2'"  . DC  B 1 3  ? -9.462  8.364   -3.986  1.00 0.00 ? 15 DC  B "C2'"  1 
ATOM   453 C "C1'"  . DC  B 1 3  ? -8.584  9.611   -4.157  1.00 0.00 ? 15 DC  B "C1'"  1 
ATOM   454 N N1     . DC  B 1 3  ? -7.553  9.755   -3.093  1.00 0.00 ? 15 DC  B N1     1 
ATOM   455 C C2     . DC  B 1 3  ? -6.211  9.893   -3.443  1.00 0.00 ? 15 DC  B C2     1 
ATOM   456 O O2     . DC  B 1 3  ? -5.841  9.812   -4.610  1.00 0.00 ? 15 DC  B O2     1 
ATOM   457 N N3     . DC  B 1 3  ? -5.301  10.136  -2.461  1.00 0.00 ? 15 DC  B N3     1 
ATOM   458 C C4     . DC  B 1 3  ? -5.668  10.264  -1.181  1.00 0.00 ? 15 DC  B C4     1 
ATOM   459 N N4     . DC  B 1 3  ? -4.740  10.550  -0.264  1.00 0.00 ? 15 DC  B N4     1 
ATOM   460 C C5     . DC  B 1 3  ? -7.035  10.100  -0.791  1.00 0.00 ? 15 DC  B C5     1 
ATOM   461 C C6     . DC  B 1 3  ? -7.934  9.789   -1.785  1.00 0.00 ? 15 DC  B C6     1 
ATOM   462 H "H5'"  . DC  B 1 3  ? -11.750 11.812  -2.893  1.00 0.00 ? 15 DC  B "H5'"  1 
ATOM   463 H "H5''" . DC  B 1 3  ? -12.782 10.473  -3.232  1.00 0.00 ? 15 DC  B "H5''" 1 
ATOM   464 H "H4'"  . DC  B 1 3  ? -11.217 10.766  -5.075  1.00 0.00 ? 15 DC  B "H4'"  1 
ATOM   465 H "H3'"  . DC  B 1 3  ? -11.640 8.362   -3.742  1.00 0.00 ? 15 DC  B "H3'"  1 
ATOM   466 H "H2'"  . DC  B 1 3  ? -9.489  8.005   -2.946  1.00 0.00 ? 15 DC  B "H2'"  1 
ATOM   467 H "H2''" . DC  B 1 3  ? -9.077  7.580   -4.628  1.00 0.00 ? 15 DC  B "H2''" 1 
ATOM   468 H "H1'"  . DC  B 1 3  ? -8.106  9.663   -5.144  1.00 0.00 ? 15 DC  B "H1'"  1 
ATOM   469 H H41    . DC  B 1 3  ? -3.804  10.822  -0.537  1.00 0.00 ? 15 DC  B H41    1 
ATOM   470 H H42    . DC  B 1 3  ? -4.988  10.573  0.712   1.00 0.00 ? 15 DC  B H42    1 
ATOM   471 H H5     . DC  B 1 3  ? -7.398  10.220  0.205   1.00 0.00 ? 15 DC  B H5     1 
ATOM   472 H H6     . DC  B 1 3  ? -8.943  9.566   -1.509  1.00 0.00 ? 15 DC  B H6     1 
HETATM 473 P P      . IGU B 1 4  ? -11.640 6.997   -6.238  1.00 0.00 ? 16 IGU B P      1 
HETATM 474 O OP1    . IGU B 1 4  ? -12.555 7.108   -7.395  1.00 0.00 ? 16 IGU B OP1    1 
HETATM 475 O OP2    . IGU B 1 4  ? -12.022 6.178   -5.065  1.00 0.00 ? 16 IGU B OP2    1 
HETATM 476 O "O5'"  . IGU B 1 4  ? -10.203 6.502   -6.753  1.00 0.00 ? 16 IGU B "O5'"  1 
HETATM 477 C "C5'"  . IGU B 1 4  ? -9.517  7.307   -7.715  1.00 0.00 ? 16 IGU B "C5'"  1 
HETATM 478 C "C4'"  . IGU B 1 4  ? -8.011  7.039   -7.735  1.00 0.00 ? 16 IGU B "C4'"  1 
HETATM 479 O "O4'"  . IGU B 1 4  ? -7.420  7.320   -6.441  1.00 0.00 ? 16 IGU B "O4'"  1 
HETATM 480 C "C3'"  . IGU B 1 4  ? -7.726  5.573   -8.090  1.00 0.00 ? 16 IGU B "C3'"  1 
HETATM 481 O "O3'"  . IGU B 1 4  ? -6.739  5.399   -9.122  1.00 0.00 ? 16 IGU B "O3'"  1 
HETATM 482 C "C2'"  . IGU B 1 4  ? -7.361  5.046   -6.715  1.00 0.00 ? 16 IGU B "C2'"  1 
HETATM 483 C "C1'"  . IGU B 1 4  ? -6.622  6.198   -6.033  1.00 0.00 ? 16 IGU B "C1'"  1 
HETATM 484 N N9     . IGU B 1 4  ? -6.580  6.067   -4.555  1.00 0.00 ? 16 IGU B N9     1 
HETATM 485 C C8     . IGU B 1 4  ? -7.489  5.471   -3.714  1.00 0.00 ? 16 IGU B C8     1 
HETATM 486 N N7     . IGU B 1 4  ? -7.217  5.578   -2.448  1.00 0.00 ? 16 IGU B N7     1 
HETATM 487 C C6     . IGU B 1 4  ? -5.152  6.662   -1.405  1.00 0.00 ? 16 IGU B C6     1 
HETATM 488 N N6     . IGU B 1 4  ? -5.390  6.457   -0.110  1.00 0.00 ? 16 IGU B N6     1 
HETATM 489 C C5     . IGU B 1 4  ? -6.004  6.251   -2.440  1.00 0.00 ? 16 IGU B C5     1 
HETATM 490 N N1     . IGU B 1 4  ? -3.987  7.327   -1.764  1.00 0.00 ? 16 IGU B N1     1 
HETATM 491 C C2     . IGU B 1 4  ? -3.605  7.603   -3.074  1.00 0.00 ? 16 IGU B C2     1 
HETATM 492 O O2     . IGU B 1 4  ? -2.552  8.189   -3.302  1.00 0.00 ? 16 IGU B O2     1 
HETATM 493 N N3     . IGU B 1 4  ? -4.447  7.192   -4.061  1.00 0.00 ? 16 IGU B N3     1 
HETATM 494 C C4     . IGU B 1 4  ? -5.595  6.546   -3.714  1.00 0.00 ? 16 IGU B C4     1 
HETATM 495 H H1     . IGU B 1 4  ? -3.347  7.655   -1.052  1.00 0.00 ? 16 IGU B H1     1 
HETATM 496 H "H5'"  . IGU B 1 4  ? -9.648  8.338   -7.414  1.00 0.00 ? 16 IGU B "H5'"  1 
HETATM 497 H "H5''" . IGU B 1 4  ? -9.986  7.159   -8.690  1.00 0.00 ? 16 IGU B "H5''" 1 
HETATM 498 H "H4'"  . IGU B 1 4  ? -7.522  7.695   -8.454  1.00 0.00 ? 16 IGU B "H4'"  1 
HETATM 499 H "H3'"  . IGU B 1 4  ? -8.643  5.116   -8.466  1.00 0.00 ? 16 IGU B "H3'"  1 
HETATM 500 H "H2'"  . IGU B 1 4  ? -8.314  4.793   -6.260  1.00 0.00 ? 16 IGU B "H2'"  1 
HETATM 501 H "H2''" . IGU B 1 4  ? -6.767  4.145   -6.718  1.00 0.00 ? 16 IGU B "H2''" 1 
HETATM 502 H "H1'"  . IGU B 1 4  ? -5.595  6.316   -6.404  1.00 0.00 ? 16 IGU B "H1'"  1 
HETATM 503 H H8     . IGU B 1 4  ? -8.367  4.932   -4.061  1.00 0.00 ? 16 IGU B H8     1 
HETATM 504 H HN61   . IGU B 1 4  ? -6.277  6.072   0.188   1.00 0.00 ? 16 IGU B HN61   1 
HETATM 505 H HN62   . IGU B 1 4  ? -4.652  6.598   0.561   1.00 0.00 ? 16 IGU B HN62   1 
ATOM   506 P P      . DA  B 1 5  ? -5.702  4.160   -9.153  1.00 0.00 ? 17 DA  B P      1 
ATOM   507 O OP1    . DA  B 1 5  ? -5.141  4.037   -10.519 1.00 0.00 ? 17 DA  B OP1    1 
ATOM   508 O OP2    . DA  B 1 5  ? -6.336  2.985   -8.509  1.00 0.00 ? 17 DA  B OP2    1 
ATOM   509 O "O5'"  . DA  B 1 5  ? -4.556  4.748   -8.194  1.00 0.00 ? 17 DA  B "O5'"  1 
ATOM   510 C "C5'"  . DA  B 1 5  ? -3.758  5.842   -8.673  1.00 0.00 ? 17 DA  B "C5'"  1 
ATOM   511 C "C4'"  . DA  B 1 5  ? -2.321  5.768   -8.203  1.00 0.00 ? 17 DA  B "C4'"  1 
ATOM   512 O "O4'"  . DA  B 1 5  ? -2.213  5.931   -6.771  1.00 0.00 ? 17 DA  B "O4'"  1 
ATOM   513 C "C3'"  . DA  B 1 5  ? -1.692  4.425   -8.584  1.00 0.00 ? 17 DA  B "C3'"  1 
ATOM   514 O "O3'"  . DA  B 1 5  ? -0.353  4.562   -9.091  1.00 0.00 ? 17 DA  B "O3'"  1 
ATOM   515 C "C2'"  . DA  B 1 5  ? -1.895  3.702   -7.261  1.00 0.00 ? 17 DA  B "C2'"  1 
ATOM   516 C "C1'"  . DA  B 1 5  ? -1.620  4.756   -6.205  1.00 0.00 ? 17 DA  B "C1'"  1 
ATOM   517 N N9     . DA  B 1 5  ? -2.230  4.494   -4.887  1.00 0.00 ? 17 DA  B N9     1 
ATOM   518 C C8     . DA  B 1 5  ? -3.492  4.047   -4.583  1.00 0.00 ? 17 DA  B C8     1 
ATOM   519 N N7     . DA  B 1 5  ? -3.744  3.970   -3.313  1.00 0.00 ? 17 DA  B N7     1 
ATOM   520 C C5     . DA  B 1 5  ? -2.558  4.391   -2.725  1.00 0.00 ? 17 DA  B C5     1 
ATOM   521 C C6     . DA  B 1 5  ? -2.185  4.553   -1.395  1.00 0.00 ? 17 DA  B C6     1 
ATOM   522 N N6     . DA  B 1 5  ? -3.038  4.287   -0.408  1.00 0.00 ? 17 DA  B N6     1 
ATOM   523 N N1     . DA  B 1 5  ? -0.937  4.988   -1.147  1.00 0.00 ? 17 DA  B N1     1 
ATOM   524 C C2     . DA  B 1 5  ? -0.115  5.240   -2.165  1.00 0.00 ? 17 DA  B C2     1 
ATOM   525 N N3     . DA  B 1 5  ? -0.357  5.120   -3.463  1.00 0.00 ? 17 DA  B N3     1 
ATOM   526 C C4     . DA  B 1 5  ? -1.622  4.692   -3.673  1.00 0.00 ? 17 DA  B C4     1 
ATOM   527 H "H5'"  . DA  B 1 5  ? -4.164  6.800   -8.360  1.00 0.00 ? 17 DA  B "H5'"  1 
ATOM   528 H "H5''" . DA  B 1 5  ? -3.748  5.810   -9.757  1.00 0.00 ? 17 DA  B "H5''" 1 
ATOM   529 H "H4'"  . DA  B 1 5  ? -1.783  6.575   -8.694  1.00 0.00 ? 17 DA  B "H4'"  1 
ATOM   530 H "H3'"  . DA  B 1 5  ? -2.250  3.965   -9.400  1.00 0.00 ? 17 DA  B "H3'"  1 
ATOM   531 H "H2'"  . DA  B 1 5  ? -2.956  3.437   -7.217  1.00 0.00 ? 17 DA  B "H2'"  1 
ATOM   532 H "H2''" . DA  B 1 5  ? -1.270  2.828   -7.126  1.00 0.00 ? 17 DA  B "H2''" 1 
ATOM   533 H "H1'"  . DA  B 1 5  ? -0.554  4.906   -6.062  1.00 0.00 ? 17 DA  B "H1'"  1 
ATOM   534 H H8     . DA  B 1 5  ? -4.239  3.777   -5.324  1.00 0.00 ? 17 DA  B H8     1 
ATOM   535 H H61    . DA  B 1 5  ? -2.833  4.501   0.559   1.00 0.00 ? 17 DA  B H61    1 
ATOM   536 H H62    . DA  B 1 5  ? -3.943  3.902   -0.640  1.00 0.00 ? 17 DA  B H62    1 
ATOM   537 H H2     . DA  B 1 5  ? 0.893   5.594   -1.928  1.00 0.00 ? 17 DA  B H2     1 
ATOM   538 P P      . DA  B 1 6  ? 0.710   3.344   -9.179  1.00 0.00 ? 18 DA  B P      1 
ATOM   539 O OP1    . DA  B 1 6  ? 1.672   3.594   -10.278 1.00 0.00 ? 18 DA  B OP1    1 
ATOM   540 O OP2    . DA  B 1 6  ? -0.025  2.060   -9.099  1.00 0.00 ? 18 DA  B OP2    1 
ATOM   541 O "O5'"  . DA  B 1 6  ? 1.470   3.595   -7.794  1.00 0.00 ? 18 DA  B "O5'"  1 
ATOM   542 C "C5'"  . DA  B 1 6  ? 2.117   4.861   -7.615  1.00 0.00 ? 18 DA  B "C5'"  1 
ATOM   543 C "C4'"  . DA  B 1 6  ? 3.163   4.804   -6.516  1.00 0.00 ? 18 DA  B "C4'"  1 
ATOM   544 O "O4'"  . DA  B 1 6  ? 2.551   4.559   -5.245  1.00 0.00 ? 18 DA  B "O4'"  1 
ATOM   545 C "C3'"  . DA  B 1 6  ? 4.199   3.731   -6.783  1.00 0.00 ? 18 DA  B "C3'"  1 
ATOM   546 O "O3'"  . DA  B 1 6  ? 5.538   4.213   -6.651  1.00 0.00 ? 18 DA  B "O3'"  1 
ATOM   547 C "C2'"  . DA  B 1 6  ? 3.740   2.638   -5.842  1.00 0.00 ? 18 DA  B "C2'"  1 
ATOM   548 C "C1'"  . DA  B 1 6  ? 3.087   3.372   -4.672  1.00 0.00 ? 18 DA  B "C1'"  1 
ATOM   549 N N9     . DA  B 1 6  ? 1.888   2.714   -4.109  1.00 0.00 ? 18 DA  B N9     1 
ATOM   550 C C8     . DA  B 1 6  ? 0.827   2.140   -4.766  1.00 0.00 ? 18 DA  B C8     1 
ATOM   551 N N7     . DA  B 1 6  ? -0.100  1.669   -3.987  1.00 0.00 ? 18 DA  B N7     1 
ATOM   552 C C5     . DA  B 1 6  ? 0.370   1.969   -2.713  1.00 0.00 ? 18 DA  B C5     1 
ATOM   553 C C6     . DA  B 1 6  ? -0.161  1.748   -1.439  1.00 0.00 ? 18 DA  B C6     1 
ATOM   554 N N6     . DA  B 1 6  ? -1.333  1.144   -1.248  1.00 0.00 ? 18 DA  B N6     1 
ATOM   555 N N1     . DA  B 1 6  ? 0.560   2.171   -0.390  1.00 0.00 ? 18 DA  B N1     1 
ATOM   556 C C2     . DA  B 1 6  ? 1.726   2.779   -0.591  1.00 0.00 ? 18 DA  B C2     1 
ATOM   557 N N3     . DA  B 1 6  ? 2.331   3.033   -1.739  1.00 0.00 ? 18 DA  B N3     1 
ATOM   558 C C4     . DA  B 1 6  ? 1.585   2.595   -2.777  1.00 0.00 ? 18 DA  B C4     1 
ATOM   559 H "H5'"  . DA  B 1 6  ? 1.369   5.581   -7.305  1.00 0.00 ? 18 DA  B "H5'"  1 
ATOM   560 H "H5''" . DA  B 1 6  ? 2.542   5.184   -8.569  1.00 0.00 ? 18 DA  B "H5''" 1 
ATOM   561 H "H4'"  . DA  B 1 6  ? 3.703   5.738   -6.414  1.00 0.00 ? 18 DA  B "H4'"  1 
ATOM   562 H "H3'"  . DA  B 1 6  ? 4.140   3.394   -7.809  1.00 0.00 ? 18 DA  B "H3'"  1 
ATOM   563 H "H2'"  . DA  B 1 6  ? 2.993   2.058   -6.392  1.00 0.00 ? 18 DA  B "H2'"  1 
ATOM   564 H "H2''" . DA  B 1 6  ? 4.573   2.014   -5.517  1.00 0.00 ? 18 DA  B "H2''" 1 
ATOM   565 H "H1'"  . DA  B 1 6  ? 3.832   3.616   -3.912  1.00 0.00 ? 18 DA  B "H1'"  1 
ATOM   566 H H8     . DA  B 1 6  ? 0.748   2.086   -5.850  1.00 0.00 ? 18 DA  B H8     1 
ATOM   567 H H61    . DA  B 1 6  ? -1.717  1.033   -0.319  1.00 0.00 ? 18 DA  B H61    1 
ATOM   568 H H62    . DA  B 1 6  ? -1.853  0.807   -2.046  1.00 0.00 ? 18 DA  B H62    1 
ATOM   569 H H2     . DA  B 1 6  ? 2.277   3.129   0.283   1.00 0.00 ? 18 DA  B H2     1 
ATOM   570 P P      . DT  B 1 7  ? 6.788   3.238   -6.946  1.00 0.00 ? 19 DT  B P      1 
ATOM   571 O OP1    . DT  B 1 7  ? 7.988   4.065   -7.208  1.00 0.00 ? 19 DT  B OP1    1 
ATOM   572 O OP2    . DT  B 1 7  ? 6.367   2.203   -7.919  1.00 0.00 ? 19 DT  B OP2    1 
ATOM   573 O "O5'"  . DT  B 1 7  ? 6.912   2.582   -5.493  1.00 0.00 ? 19 DT  B "O5'"  1 
ATOM   574 C "C5'"  . DT  B 1 7  ? 7.173   3.447   -4.380  1.00 0.00 ? 19 DT  B "C5'"  1 
ATOM   575 C "C4'"  . DT  B 1 7  ? 6.796   2.766   -3.063  1.00 0.00 ? 19 DT  B "C4'"  1 
ATOM   576 O "O4'"  . DT  B 1 7  ? 5.413   2.370   -3.051  1.00 0.00 ? 19 DT  B "O4'"  1 
ATOM   577 C "C3'"  . DT  B 1 7  ? 7.589   1.472   -2.896  1.00 0.00 ? 19 DT  B "C3'"  1 
ATOM   578 O "O3'"  . DT  B 1 7  ? 8.817   1.558   -2.151  1.00 0.00 ? 19 DT  B "O3'"  1 
ATOM   579 C "C2'"  . DT  B 1 7  ? 6.558   0.583   -2.235  1.00 0.00 ? 19 DT  B "C2'"  1 
ATOM   580 C "C1'"  . DT  B 1 7  ? 5.320   1.405   -1.993  1.00 0.00 ? 19 DT  B "C1'"  1 
ATOM   581 N N1     . DT  B 1 7  ? 4.142   0.513   -2.121  1.00 0.00 ? 19 DT  B N1     1 
ATOM   582 C C2     . DT  B 1 7  ? 3.465   0.147   -0.975  1.00 0.00 ? 19 DT  B C2     1 
ATOM   583 O O2     . DT  B 1 7  ? 3.829   0.460   0.156   1.00 0.00 ? 19 DT  B O2     1 
ATOM   584 N N3     . DT  B 1 7  ? 2.333   -0.618  -1.167  1.00 0.00 ? 19 DT  B N3     1 
ATOM   585 C C4     . DT  B 1 7  ? 1.810   -1.031  -2.378  1.00 0.00 ? 19 DT  B C4     1 
ATOM   586 O O4     . DT  B 1 7  ? 0.751   -1.659  -2.409  1.00 0.00 ? 19 DT  B O4     1 
ATOM   587 C C5     . DT  B 1 7  ? 2.611   -0.648  -3.524  1.00 0.00 ? 19 DT  B C5     1 
ATOM   588 C C7     . DT  B 1 7  ? 2.159   -1.063  -4.938  1.00 0.00 ? 19 DT  B C7     1 
ATOM   589 C C6     . DT  B 1 7  ? 3.746   0.071   -3.347  1.00 0.00 ? 19 DT  B C6     1 
ATOM   590 H "H5'"  . DT  B 1 7  ? 6.604   4.371   -4.509  1.00 0.00 ? 19 DT  B "H5'"  1 
ATOM   591 H "H5''" . DT  B 1 7  ? 8.232   3.705   -4.401  1.00 0.00 ? 19 DT  B "H5''" 1 
ATOM   592 H "H4'"  . DT  B 1 7  ? 6.945   3.407   -2.203  1.00 0.00 ? 19 DT  B "H4'"  1 
ATOM   593 H "H3'"  . DT  B 1 7  ? 7.793   1.070   -3.891  1.00 0.00 ? 19 DT  B "H3'"  1 
ATOM   594 H "H2'"  . DT  B 1 7  ? 6.287   -0.168  -2.975  1.00 0.00 ? 19 DT  B "H2'"  1 
ATOM   595 H "H2''" . DT  B 1 7  ? 6.890   0.160   -1.298  1.00 0.00 ? 19 DT  B "H2''" 1 
ATOM   596 H "H1'"  . DT  B 1 7  ? 5.349   1.861   -1.002  1.00 0.00 ? 19 DT  B "H1'"  1 
ATOM   597 H H3     . DT  B 1 7  ? 1.852   -0.902  -0.324  1.00 0.00 ? 19 DT  B H3     1 
ATOM   598 H H71    . DT  B 1 7  ? 2.900   -1.719  -5.395  1.00 0.00 ? 19 DT  B H71    1 
ATOM   599 H H72    . DT  B 1 7  ? 2.014   -0.189  -5.574  1.00 0.00 ? 19 DT  B H72    1 
ATOM   600 H H73    . DT  B 1 7  ? 1.212   -1.604  -4.882  1.00 0.00 ? 19 DT  B H73    1 
ATOM   601 H H6     . DT  B 1 7  ? 4.426   0.336   -4.126  1.00 0.00 ? 19 DT  B H6     1 
ATOM   602 P P      . DT  B 1 8  ? 9.787   0.262   -2.018  1.00 0.00 ? 20 DT  B P      1 
ATOM   603 O OP1    . DT  B 1 8  ? 11.194  0.722   -1.992  1.00 0.00 ? 20 DT  B OP1    1 
ATOM   604 O OP2    . DT  B 1 8  ? 9.349   -0.730  -3.027  1.00 0.00 ? 20 DT  B OP2    1 
ATOM   605 O "O5'"  . DT  B 1 8  ? 9.409   -0.308  -0.563  1.00 0.00 ? 20 DT  B "O5'"  1 
ATOM   606 C "C5'"  . DT  B 1 8  ? 9.438   0.601   0.540   1.00 0.00 ? 20 DT  B "C5'"  1 
ATOM   607 C "C4'"  . DT  B 1 8  ? 8.652   0.080   1.762   1.00 0.00 ? 20 DT  B "C4'"  1 
ATOM   608 O "O4'"  . DT  B 1 8  ? 7.310   -0.257  1.338   1.00 0.00 ? 20 DT  B "O4'"  1 
ATOM   609 C "C3'"  . DT  B 1 8  ? 9.249   -1.183  2.418   1.00 0.00 ? 20 DT  B "C3'"  1 
ATOM   610 O "O3'"  . DT  B 1 8  ? 9.169   -1.145  3.857   1.00 0.00 ? 20 DT  B "O3'"  1 
ATOM   611 C "C2'"  . DT  B 1 8  ? 8.387   -2.251  1.795   1.00 0.00 ? 20 DT  B "C2'"  1 
ATOM   612 C "C1'"  . DT  B 1 8  ? 7.001   -1.606  1.735   1.00 0.00 ? 20 DT  B "C1'"  1 
ATOM   613 N N1     . DT  B 1 8  ? 6.102   -2.307  0.785   1.00 0.00 ? 20 DT  B N1     1 
ATOM   614 C C2     . DT  B 1 8  ? 4.936   -2.887  1.282   1.00 0.00 ? 20 DT  B C2     1 
ATOM   615 O O2     . DT  B 1 8  ? 4.574   -2.799  2.455   1.00 0.00 ? 20 DT  B O2     1 
ATOM   616 N N3     . DT  B 1 8  ? 4.178   -3.586  0.368   1.00 0.00 ? 20 DT  B N3     1 
ATOM   617 C C4     . DT  B 1 8  ? 4.463   -3.757  -0.973  1.00 0.00 ? 20 DT  B C4     1 
ATOM   618 O O4     . DT  B 1 8  ? 3.734   -4.454  -1.676  1.00 0.00 ? 20 DT  B O4     1 
ATOM   619 C C5     . DT  B 1 8  ? 5.654   -3.071  -1.423  1.00 0.00 ? 20 DT  B C5     1 
ATOM   620 C C7     . DT  B 1 8  ? 6.020   -3.137  -2.914  1.00 0.00 ? 20 DT  B C7     1 
ATOM   621 C C6     . DT  B 1 8  ? 6.428   -2.387  -0.547  1.00 0.00 ? 20 DT  B C6     1 
ATOM   622 H "H5'"  . DT  B 1 8  ? 8.971   1.518   0.170   1.00 0.00 ? 20 DT  B "H5'"  1 
ATOM   623 H "H5''" . DT  B 1 8  ? 10.487  0.803   0.777   1.00 0.00 ? 20 DT  B "H5''" 1 
ATOM   624 H "H4'"  . DT  B 1 8  ? 8.563   0.851   2.533   1.00 0.00 ? 20 DT  B "H4'"  1 
ATOM   625 H "H3'"  . DT  B 1 8  ? 10.304  -1.291  2.163   1.00 0.00 ? 20 DT  B "H3'"  1 
ATOM   626 H "H2'"  . DT  B 1 8  ? 8.792   -2.436  0.794   1.00 0.00 ? 20 DT  B "H2'"  1 
ATOM   627 H "H2''" . DT  B 1 8  ? 8.389   -3.173  2.371   1.00 0.00 ? 20 DT  B "H2''" 1 
ATOM   628 H "H1'"  . DT  B 1 8  ? 6.519   -1.594  2.715   1.00 0.00 ? 20 DT  B "H1'"  1 
ATOM   629 H H3     . DT  B 1 8  ? 3.335   -4.004  0.739   1.00 0.00 ? 20 DT  B H3     1 
ATOM   630 H H71    . DT  B 1 8  ? 7.013   -3.566  -3.041  1.00 0.00 ? 20 DT  B H71    1 
ATOM   631 H H72    . DT  B 1 8  ? 5.989   -2.146  -3.363  1.00 0.00 ? 20 DT  B H72    1 
ATOM   632 H H73    . DT  B 1 8  ? 5.297   -3.766  -3.439  1.00 0.00 ? 20 DT  B H73    1 
ATOM   633 H H6     . DT  B 1 8  ? 7.329   -1.881  -0.855  1.00 0.00 ? 20 DT  B H6     1 
ATOM   634 P P      . DT  B 1 9  ? 9.476   -2.426  4.820   1.00 0.00 ? 21 DT  B P      1 
ATOM   635 O OP1    . DT  B 1 9  ? 10.049  -1.946  6.099   1.00 0.00 ? 21 DT  B OP1    1 
ATOM   636 O OP2    . DT  B 1 9  ? 10.202  -3.441  4.024   1.00 0.00 ? 21 DT  B OP2    1 
ATOM   637 O "O5'"  . DT  B 1 9  ? 7.996   -2.994  5.140   1.00 0.00 ? 21 DT  B "O5'"  1 
ATOM   638 C "C5'"  . DT  B 1 9  ? 7.137   -2.239  6.008   1.00 0.00 ? 21 DT  B "C5'"  1 
ATOM   639 C "C4'"  . DT  B 1 9  ? 6.125   -3.085  6.809   1.00 0.00 ? 21 DT  B "C4'"  1 
ATOM   640 O "O4'"  . DT  B 1 9  ? 5.137   -3.745  5.989   1.00 0.00 ? 21 DT  B "O4'"  1 
ATOM   641 C "C3'"  . DT  B 1 9  ? 6.806   -4.164  7.651   1.00 0.00 ? 21 DT  B "C3'"  1 
ATOM   642 O "O3'"  . DT  B 1 9  ? 6.214   -4.311  8.950   1.00 0.00 ? 21 DT  B "O3'"  1 
ATOM   643 C "C2'"  . DT  B 1 9  ? 6.602   -5.375  6.766   1.00 0.00 ? 21 DT  B "C2'"  1 
ATOM   644 C "C1'"  . DT  B 1 9  ? 5.215   -5.173  6.146   1.00 0.00 ? 21 DT  B "C1'"  1 
ATOM   645 N N1     . DT  B 1 9  ? 5.047   -5.792  4.800   1.00 0.00 ? 21 DT  B N1     1 
ATOM   646 C C2     . DT  B 1 9  ? 3.958   -6.630  4.594   1.00 0.00 ? 21 DT  B C2     1 
ATOM   647 O O2     . DT  B 1 9  ? 3.194   -6.960  5.499   1.00 0.00 ? 21 DT  B O2     1 
ATOM   648 N N3     . DT  B 1 9  ? 3.784   -7.086  3.300   1.00 0.00 ? 21 DT  B N3     1 
ATOM   649 C C4     . DT  B 1 9  ? 4.630   -6.860  2.231   1.00 0.00 ? 21 DT  B C4     1 
ATOM   650 O O4     . DT  B 1 9  ? 4.357   -7.298  1.114   1.00 0.00 ? 21 DT  B O4     1 
ATOM   651 C C5     . DT  B 1 9  ? 5.803   -6.080  2.561   1.00 0.00 ? 21 DT  B C5     1 
ATOM   652 C C7     . DT  B 1 9  ? 6.900   -5.919  1.495   1.00 0.00 ? 21 DT  B C7     1 
ATOM   653 C C6     . DT  B 1 9  ? 5.937   -5.526  3.790   1.00 0.00 ? 21 DT  B C6     1 
ATOM   654 H "H5'"  . DT  B 1 9  ? 6.615   -1.501  5.399   1.00 0.00 ? 21 DT  B "H5'"  1 
ATOM   655 H "H5''" . DT  B 1 9  ? 7.772   -1.717  6.723   1.00 0.00 ? 21 DT  B "H5''" 1 
ATOM   656 H "H4'"  . DT  B 1 9  ? 5.597   -2.421  7.497   1.00 0.00 ? 21 DT  B "H4'"  1 
ATOM   657 H "H3'"  . DT  B 1 9  ? 7.857   -3.898  7.790   1.00 0.00 ? 21 DT  B "H3'"  1 
ATOM   658 H "H2'"  . DT  B 1 9  ? 7.382   -5.321  6.009   1.00 0.00 ? 21 DT  B "H2'"  1 
ATOM   659 H "H2''" . DT  B 1 9  ? 6.673   -6.312  7.312   1.00 0.00 ? 21 DT  B "H2''" 1 
ATOM   660 H "H1'"  . DT  B 1 9  ? 4.431   -5.534  6.825   1.00 0.00 ? 21 DT  B "H1'"  1 
ATOM   661 H H3     . DT  B 1 9  ? 2.952   -7.637  3.127   1.00 0.00 ? 21 DT  B H3     1 
ATOM   662 H H71    . DT  B 1 9  ? 7.830   -6.364  1.850   1.00 0.00 ? 21 DT  B H71    1 
ATOM   663 H H72    . DT  B 1 9  ? 7.059   -4.872  1.248   1.00 0.00 ? 21 DT  B H72    1 
ATOM   664 H H73    . DT  B 1 9  ? 6.605   -6.452  0.587   1.00 0.00 ? 21 DT  B H73    1 
ATOM   665 H H6     . DT  B 1 9  ? 6.739   -4.847  4.024   1.00 0.00 ? 21 DT  B H6     1 
ATOM   666 P P      . DG  B 1 10 ? 6.835   -5.284  10.086  1.00 0.00 ? 22 DG  B P      1 
ATOM   667 O OP1    . DG  B 1 10 ? 6.722   -4.592  11.389  1.00 0.00 ? 22 DG  B OP1    1 
ATOM   668 O OP2    . DG  B 1 10 ? 8.157   -5.768  9.628   1.00 0.00 ? 22 DG  B OP2    1 
ATOM   669 O "O5'"  . DG  B 1 10 ? 5.822   -6.546  10.080  1.00 0.00 ? 22 DG  B "O5'"  1 
ATOM   670 C "C5'"  . DG  B 1 10 ? 4.442   -6.374  10.432  1.00 0.00 ? 22 DG  B "C5'"  1 
ATOM   671 C "C4'"  . DG  B 1 10 ? 3.567   -7.592  10.077  1.00 0.00 ? 22 DG  B "C4'"  1 
ATOM   672 O "O4'"  . DG  B 1 10 ? 3.685   -7.845  8.668   1.00 0.00 ? 22 DG  B "O4'"  1 
ATOM   673 C "C3'"  . DG  B 1 10 ? 3.846   -8.904  10.817  1.00 0.00 ? 22 DG  B "C3'"  1 
ATOM   674 O "O3'"  . DG  B 1 10 ? 2.648   -9.411  11.444  1.00 0.00 ? 22 DG  B "O3'"  1 
ATOM   675 C "C2'"  . DG  B 1 10 ? 4.415   -9.770  9.699   1.00 0.00 ? 22 DG  B "C2'"  1 
ATOM   676 C "C1'"  . DG  B 1 10 ? 3.737   -9.252  8.423   1.00 0.00 ? 22 DG  B "C1'"  1 
ATOM   677 N N9     . DG  B 1 10 ? 4.461   -9.416  7.151   1.00 0.00 ? 22 DG  B N9     1 
ATOM   678 C C8     . DG  B 1 10 ? 5.740   -9.061  6.831   1.00 0.00 ? 22 DG  B C8     1 
ATOM   679 N N7     . DG  B 1 10 ? 6.040   -9.209  5.572   1.00 0.00 ? 22 DG  B N7     1 
ATOM   680 C C5     . DG  B 1 10 ? 4.887   -9.771  5.028   1.00 0.00 ? 22 DG  B C5     1 
ATOM   681 C C6     . DG  B 1 10 ? 4.610   -10.170 3.697   1.00 0.00 ? 22 DG  B C6     1 
ATOM   682 O O6     . DG  B 1 10 ? 5.349   -10.096 2.721   1.00 0.00 ? 22 DG  B O6     1 
ATOM   683 N N1     . DG  B 1 10 ? 3.324   -10.686 3.573   1.00 0.00 ? 22 DG  B N1     1 
ATOM   684 C C2     . DG  B 1 10 ? 2.421   -10.824 4.607   1.00 0.00 ? 22 DG  B C2     1 
ATOM   685 N N2     . DG  B 1 10 ? 1.236   -11.355 4.293   1.00 0.00 ? 22 DG  B N2     1 
ATOM   686 N N3     . DG  B 1 10 ? 2.686   -10.455 5.865   1.00 0.00 ? 22 DG  B N3     1 
ATOM   687 C C4     . DG  B 1 10 ? 3.927   -9.928  5.994   1.00 0.00 ? 22 DG  B C4     1 
ATOM   688 H "H5'"  . DG  B 1 10 ? 4.061   -5.586  9.789   1.00 0.00 ? 22 DG  B "H5'"  1 
ATOM   689 H "H5''" . DG  B 1 10 ? 4.380   -6.045  11.477  1.00 0.00 ? 22 DG  B "H5''" 1 
ATOM   690 H "H4'"  . DG  B 1 10 ? 2.512   -7.385  10.231  1.00 0.00 ? 22 DG  B "H4'"  1 
ATOM   691 H "H3'"  . DG  B 1 10 ? 4.572   -8.731  11.608  1.00 0.00 ? 22 DG  B "H3'"  1 
ATOM   692 H "H2'"  . DG  B 1 10 ? 5.485   -9.554  9.676   1.00 0.00 ? 22 DG  B "H2'"  1 
ATOM   693 H "H2''" . DG  B 1 10 ? 4.243   -10.834 9.889   1.00 0.00 ? 22 DG  B "H2''" 1 
ATOM   694 H "H1'"  . DG  B 1 10 ? 2.744   -9.671  8.251   1.00 0.00 ? 22 DG  B "H1'"  1 
ATOM   695 H H8     . DG  B 1 10 ? 6.429   -8.697  7.589   1.00 0.00 ? 22 DG  B H8     1 
ATOM   696 H H1     . DG  B 1 10 ? 3.023   -10.978 2.653   1.00 0.00 ? 22 DG  B H1     1 
ATOM   697 H H21    . DG  B 1 10 ? 1.019   -11.606 3.337   1.00 0.00 ? 22 DG  B H21    1 
ATOM   698 H H22    . DG  B 1 10 ? 0.562   -11.488 5.033   1.00 0.00 ? 22 DG  B H22    1 
ATOM   699 P P      . DC  B 1 11 ? 2.466   -10.948 11.926  1.00 0.00 ? 23 DC  B P      1 
ATOM   700 O OP1    . DC  B 1 11 ? 1.410   -11.030 12.962  1.00 0.00 ? 23 DC  B OP1    1 
ATOM   701 O OP2    . DC  B 1 11 ? 3.811   -11.514 12.185  1.00 0.00 ? 23 DC  B OP2    1 
ATOM   702 O "O5'"  . DC  B 1 11 ? 1.875   -11.620 10.598  1.00 0.00 ? 23 DC  B "O5'"  1 
ATOM   703 C "C5'"  . DC  B 1 11 ? 0.538   -11.292 10.189  1.00 0.00 ? 23 DC  B "C5'"  1 
ATOM   704 C "C4'"  . DC  B 1 11 ? 0.007   -12.256 9.127   1.00 0.00 ? 23 DC  B "C4'"  1 
ATOM   705 O "O4'"  . DC  B 1 11 ? 0.767   -12.220 7.919   1.00 0.00 ? 23 DC  B "O4'"  1 
ATOM   706 C "C3'"  . DC  B 1 11 ? -0.039  -13.692 9.625   1.00 0.00 ? 23 DC  B "C3'"  1 
ATOM   707 O "O3'"  . DC  B 1 11 ? -1.377  -14.190 9.683   1.00 0.00 ? 23 DC  B "O3'"  1 
ATOM   708 C "C2'"  . DC  B 1 11 ? 0.879   -14.426 8.655   1.00 0.00 ? 23 DC  B "C2'"  1 
ATOM   709 C "C1'"  . DC  B 1 11 ? 0.957   -13.549 7.420   1.00 0.00 ? 23 DC  B "C1'"  1 
ATOM   710 N N1     . DC  B 1 11 ? 2.326   -13.539 6.868   1.00 0.00 ? 23 DC  B N1     1 
ATOM   711 C C2     . DC  B 1 11 ? 2.572   -14.016 5.589   1.00 0.00 ? 23 DC  B C2     1 
ATOM   712 O O2     . DC  B 1 11 ? 1.706   -14.623 4.963   1.00 0.00 ? 23 DC  B O2     1 
ATOM   713 N N3     . DC  B 1 11 ? 3.803   -13.794 5.051   1.00 0.00 ? 23 DC  B N3     1 
ATOM   714 C C4     . DC  B 1 11 ? 4.759   -13.147 5.736   1.00 0.00 ? 23 DC  B C4     1 
ATOM   715 N N4     . DC  B 1 11 ? 5.900   -12.824 5.128   1.00 0.00 ? 23 DC  B N4     1 
ATOM   716 C C5     . DC  B 1 11 ? 4.557   -12.776 7.099   1.00 0.00 ? 23 DC  B C5     1 
ATOM   717 C C6     . DC  B 1 11 ? 3.317   -13.011 7.628   1.00 0.00 ? 23 DC  B C6     1 
ATOM   718 H "H5'"  . DC  B 1 11 ? 0.549   -10.284 9.787   1.00 0.00 ? 23 DC  B "H5'"  1 
ATOM   719 H "H5''" . DC  B 1 11 ? -0.129  -11.298 11.057  1.00 0.00 ? 23 DC  B "H5''" 1 
ATOM   720 H "H4'"  . DC  B 1 11 ? -0.993  -11.986 8.832   1.00 0.00 ? 23 DC  B "H4'"  1 
ATOM   721 H "H3'"  . DC  B 1 11 ? 0.343   -13.703 10.643  1.00 0.00 ? 23 DC  B "H3'"  1 
ATOM   722 H "H2'"  . DC  B 1 11 ? 1.865   -14.487 9.132   1.00 0.00 ? 23 DC  B "H2'"  1 
ATOM   723 H "H2''" . DC  B 1 11 ? 0.513   -15.407 8.347   1.00 0.00 ? 23 DC  B "H2''" 1 
ATOM   724 H "H1'"  . DC  B 1 11 ? 0.222   -13.803 6.655   1.00 0.00 ? 23 DC  B "H1'"  1 
ATOM   725 H H41    . DC  B 1 11 ? 6.052   -13.041 4.149   1.00 0.00 ? 23 DC  B H41    1 
ATOM   726 H H42    . DC  B 1 11 ? 6.610   -12.317 5.634   1.00 0.00 ? 23 DC  B H42    1 
ATOM   727 H H5     . DC  B 1 11 ? 5.280   -12.328 7.731   1.00 0.00 ? 23 DC  B H5     1 
ATOM   728 H H6     . DC  B 1 11 ? 3.113   -12.781 8.654   1.00 0.00 ? 23 DC  B H6     1 
ATOM   729 P P      . DG  B 1 12 ? -1.681  -15.660 10.269  1.00 0.00 ? 24 DG  B P      1 
ATOM   730 O OP1    . DG  B 1 12 ? -3.104  -15.719 10.673  1.00 0.00 ? 24 DG  B OP1    1 
ATOM   731 O OP2    . DG  B 1 12 ? -0.624  -16.028 11.238  1.00 0.00 ? 24 DG  B OP2    1 
ATOM   732 O "O5'"  . DG  B 1 12 ? -1.486  -16.553 8.949   1.00 0.00 ? 24 DG  B "O5'"  1 
ATOM   733 C "C5'"  . DG  B 1 12 ? -2.317  -16.302 7.814   1.00 0.00 ? 24 DG  B "C5'"  1 
ATOM   734 C "C4'"  . DG  B 1 12 ? -1.795  -16.973 6.551   1.00 0.00 ? 24 DG  B "C4'"  1 
ATOM   735 O "O4'"  . DG  B 1 12 ? -0.432  -16.552 6.281   1.00 0.00 ? 24 DG  B "O4'"  1 
ATOM   736 C "C3'"  . DG  B 1 12 ? -1.773  -18.515 6.633   1.00 0.00 ? 24 DG  B "C3'"  1 
ATOM   737 O "O3'"  . DG  B 1 12 ? -1.918  -19.049 5.309   1.00 0.00 ? 24 DG  B "O3'"  1 
ATOM   738 C "C2'"  . DG  B 1 12 ? -0.345  -18.691 7.083   1.00 0.00 ? 24 DG  B "C2'"  1 
ATOM   739 C "C1'"  . DG  B 1 12 ? 0.346   -17.748 6.138   1.00 0.00 ? 24 DG  B "C1'"  1 
ATOM   740 N N9     . DG  B 1 12 ? 1.801   -17.565 6.274   1.00 0.00 ? 24 DG  B N9     1 
ATOM   741 C C8     . DG  B 1 12 ? 2.545   -17.382 7.398   1.00 0.00 ? 24 DG  B C8     1 
ATOM   742 N N7     . DG  B 1 12 ? 3.762   -16.977 7.173   1.00 0.00 ? 24 DG  B N7     1 
ATOM   743 C C5     . DG  B 1 12 ? 3.874   -17.051 5.788   1.00 0.00 ? 24 DG  B C5     1 
ATOM   744 C C6     . DG  B 1 12 ? 4.976   -16.754 4.949   1.00 0.00 ? 24 DG  B C6     1 
ATOM   745 O O6     . DG  B 1 12 ? 6.076   -16.314 5.272   1.00 0.00 ? 24 DG  B O6     1 
ATOM   746 N N1     . DG  B 1 12 ? 4.685   -16.996 3.615   1.00 0.00 ? 24 DG  B N1     1 
ATOM   747 C C2     . DG  B 1 12 ? 3.473   -17.454 3.135   1.00 0.00 ? 24 DG  B C2     1 
ATOM   748 N N2     . DG  B 1 12 ? 3.392   -17.645 1.817   1.00 0.00 ? 24 DG  B N2     1 
ATOM   749 N N3     . DG  B 1 12 ? 2.420   -17.705 3.923   1.00 0.00 ? 24 DG  B N3     1 
ATOM   750 C C4     . DG  B 1 12 ? 2.695   -17.478 5.232   1.00 0.00 ? 24 DG  B C4     1 
ATOM   751 H "H5'"  . DG  B 1 12 ? -2.435  -15.227 7.651   1.00 0.00 ? 24 DG  B "H5'"  1 
ATOM   752 H "H5''" . DG  B 1 12 ? -3.296  -16.714 8.024   1.00 0.00 ? 24 DG  B "H5''" 1 
ATOM   753 H "H4'"  . DG  B 1 12 ? -2.402  -16.670 5.707   1.00 0.00 ? 24 DG  B "H4'"  1 
ATOM   754 H "H3'"  . DG  B 1 12 ? -2.536  -18.959 7.275   1.00 0.00 ? 24 DG  B "H3'"  1 
ATOM   755 H "HO3'" . DG  B 1 12 ? -2.032  -19.998 5.396   1.00 0.00 ? 24 DG  B "HO3'" 1 
ATOM   756 H "H2'"  . DG  B 1 12 ? -0.231  -18.310 8.093   1.00 0.00 ? 24 DG  B "H2'"  1 
ATOM   757 H "H2''" . DG  B 1 12 ? 0.029   -19.708 7.016   1.00 0.00 ? 24 DG  B "H2''" 1 
ATOM   758 H "H1'"  . DG  B 1 12 ? 0.147   -18.074 5.134   1.00 0.00 ? 24 DG  B "H1'"  1 
ATOM   759 H H8     . DG  B 1 12 ? 2.140   -17.603 8.381   1.00 0.00 ? 24 DG  B H8     1 
ATOM   760 H H1     . DG  B 1 12 ? 5.434   -16.822 2.959   1.00 0.00 ? 24 DG  B H1     1 
ATOM   761 H H21    . DG  B 1 12 ? 4.204   -17.452 1.244   1.00 0.00 ? 24 DG  B H21    1 
ATOM   762 H H22    . DG  B 1 12 ? 2.531   -17.968 1.400   1.00 0.00 ? 24 DG  B H22    1 
# 
